data_1I19
#
_entry.id   1I19
#
_cell.length_a   77.440
_cell.length_b   124.470
_cell.length_c   80.840
_cell.angle_alpha   90.00
_cell.angle_beta   109.17
_cell.angle_gamma   90.00
#
_symmetry.space_group_name_H-M   'P 1 21 1'
#
loop_
_entity.id
_entity.type
_entity.pdbx_description
1 polymer 'CHOLESTEROL OXIDASE'
2 non-polymer 1,2-ETHANEDIOL
3 non-polymer 'FLAVIN-ADENINE DINUCLEOTIDE'
4 non-polymer 'MANGANESE (II) ION'
5 non-polymer 'CACODYLATE ION'
6 water water
#
_entity_poly.entity_id   1
_entity_poly.type   'polypeptide(L)'
_entity_poly.pdbx_seq_one_letter_code
;STGPVAPLPTPPNFPNDIALFQQAYQNWSKEIMLDATWVCSPKTPQDVVRLANWAHEHDYKIRPRGAMHGWTPLTVEKGA
NVEKVILADTMTHLNGITVNTGGPVATVTAGAGASIEAIVTELQKHDLGWANLPAPGVLSIGGALAVNAHGAALPAVGQT
TLPGHTYGSLSNLVTELTAVVWNGTTYALETYQRNDPRITPLLTNLGRCFLTSVTMQAGPNFRQRCQSYTDIPWRELFAP
KGADGRTFEKFVAESGGAEAIWYPFTEKPWMKVWTVSPTKPDSSNEVGSLGSAGSLVGKPPQAREVSGPYNYIFSDNLPE
PITDMIGAINAGNPGIAPLFGPAMYEITKLGLAATNANDIWGWSKDVQFYIKATTLRLTEGGGAVVTSRANIATVINDFT
EWFHERIEFYRAKGEFPLNGPVEIRCCGLDQAADVKVPSVGPPTISATRPRPDHPDWDVAIWLNVLGVPGTPGMFEFYRE
MEQWMRSHYNNDDATFRPEWSKGWAFGPDPYTDNDIVTNKMRATYIEGVPTTENWDTARARYNQIDPHRVFTNGFMDKLL
P
;
_entity_poly.pdbx_strand_id   A,B
#
loop_
_chem_comp.id
_chem_comp.type
_chem_comp.name
_chem_comp.formula
CAC non-polymer 'CACODYLATE ION' 'C2 H6 As O2 -1'
EDO non-polymer 1,2-ETHANEDIOL 'C2 H6 O2'
FAD non-polymer 'FLAVIN-ADENINE DINUCLEOTIDE' 'C27 H33 N9 O15 P2'
MN non-polymer 'MANGANESE (II) ION' 'Mn 2'
#
# COMPACT_ATOMS: atom_id res chain seq x y z
N VAL A 5 -15.44 1.20 -30.19
CA VAL A 5 -15.84 -0.23 -30.39
C VAL A 5 -17.35 -0.34 -30.58
N ALA A 6 -17.76 -1.19 -31.51
CA ALA A 6 -19.18 -1.40 -31.78
C ALA A 6 -19.88 -1.96 -30.54
N PRO A 7 -21.06 -1.41 -30.21
CA PRO A 7 -21.81 -1.89 -29.04
C PRO A 7 -22.36 -3.30 -29.24
N LEU A 8 -22.27 -4.11 -28.19
CA LEU A 8 -22.77 -5.48 -28.25
C LEU A 8 -24.29 -5.49 -28.24
N PRO A 9 -24.91 -6.53 -28.81
CA PRO A 9 -26.37 -6.61 -28.84
C PRO A 9 -26.90 -6.54 -27.41
N THR A 10 -27.96 -5.76 -27.21
CA THR A 10 -28.55 -5.62 -25.88
C THR A 10 -29.20 -6.92 -25.43
N PRO A 11 -28.82 -7.43 -24.25
CA PRO A 11 -29.41 -8.68 -23.75
C PRO A 11 -30.92 -8.53 -23.58
N PRO A 12 -31.69 -9.53 -24.02
CA PRO A 12 -33.16 -9.51 -23.92
C PRO A 12 -33.72 -9.56 -22.49
N ASN A 13 -34.55 -8.58 -22.15
CA ASN A 13 -35.19 -8.49 -20.84
C ASN A 13 -34.25 -8.82 -19.69
N PHE A 14 -33.10 -8.17 -19.65
CA PHE A 14 -32.12 -8.40 -18.58
C PHE A 14 -32.66 -7.79 -17.28
N PRO A 15 -32.40 -8.43 -16.14
CA PRO A 15 -32.89 -7.91 -14.85
C PRO A 15 -32.61 -6.42 -14.70
N ASN A 16 -33.67 -5.64 -14.55
CA ASN A 16 -33.57 -4.18 -14.42
C ASN A 16 -32.73 -3.64 -13.27
N ASP A 17 -32.61 -4.39 -12.18
CA ASP A 17 -31.84 -3.93 -11.03
C ASP A 17 -30.38 -4.39 -11.05
N ILE A 18 -29.98 -5.06 -12.11
CA ILE A 18 -28.60 -5.52 -12.24
C ILE A 18 -27.96 -4.75 -13.39
N ALA A 19 -27.16 -3.74 -13.05
CA ALA A 19 -26.51 -2.90 -14.04
C ALA A 19 -25.56 -3.70 -14.94
N LEU A 20 -25.62 -3.43 -16.24
CA LEU A 20 -24.76 -4.06 -17.22
C LEU A 20 -23.80 -3.04 -17.81
N PHE A 21 -22.55 -3.43 -17.96
CA PHE A 21 -21.54 -2.54 -18.52
C PHE A 21 -20.74 -3.27 -19.58
N GLN A 22 -20.47 -2.61 -20.69
CA GLN A 22 -19.69 -3.24 -21.75
C GLN A 22 -18.24 -2.84 -21.51
N GLN A 23 -17.40 -3.83 -21.22
CA GLN A 23 -15.99 -3.58 -20.96
C GLN A 23 -15.13 -4.53 -21.77
N ALA A 24 -13.89 -4.16 -21.99
CA ALA A 24 -12.98 -5.03 -22.71
C ALA A 24 -12.53 -6.07 -21.70
N TYR A 25 -11.97 -7.17 -22.19
CA TYR A 25 -11.47 -8.22 -21.31
C TYR A 25 -10.03 -8.48 -21.70
N GLN A 26 -9.17 -8.58 -20.70
CA GLN A 26 -7.76 -8.85 -20.94
C GLN A 26 -7.24 -9.61 -19.72
N ASN A 27 -6.67 -10.79 -19.93
CA ASN A 27 -6.14 -11.53 -18.80
C ASN A 27 -4.77 -10.96 -18.48
N TRP A 28 -4.21 -11.36 -17.35
CA TRP A 28 -2.91 -10.83 -16.95
C TRP A 28 -1.82 -10.88 -18.03
N SER A 29 -1.62 -12.03 -18.65
CA SER A 29 -0.58 -12.17 -19.67
C SER A 29 -0.91 -11.42 -20.96
N LYS A 30 -2.16 -10.96 -21.07
CA LYS A 30 -2.64 -10.24 -22.24
C LYS A 30 -2.72 -11.12 -23.49
N GLU A 31 -2.64 -12.43 -23.28
CA GLU A 31 -2.74 -13.39 -24.38
C GLU A 31 -4.19 -13.53 -24.81
N ILE A 32 -5.10 -13.21 -23.87
CA ILE A 32 -6.52 -13.26 -24.16
C ILE A 32 -7.06 -11.83 -24.07
N MET A 33 -7.40 -11.27 -25.23
CA MET A 33 -7.92 -9.90 -25.29
C MET A 33 -9.15 -9.81 -26.19
N LEU A 34 -10.27 -9.34 -25.62
CA LEU A 34 -11.51 -9.15 -26.37
C LEU A 34 -11.90 -7.68 -26.17
N ASP A 35 -12.24 -7.00 -27.26
CA ASP A 35 -12.61 -5.59 -27.17
C ASP A 35 -13.92 -5.33 -26.44
N ALA A 36 -14.80 -6.32 -26.41
CA ALA A 36 -16.09 -6.13 -25.77
C ALA A 36 -16.72 -7.37 -25.15
N THR A 37 -17.18 -7.20 -23.92
CA THR A 37 -17.84 -8.26 -23.17
C THR A 37 -18.86 -7.58 -22.27
N TRP A 38 -19.92 -8.30 -21.92
CA TRP A 38 -20.93 -7.75 -21.02
C TRP A 38 -20.50 -8.12 -19.61
N VAL A 39 -20.51 -7.13 -18.72
CA VAL A 39 -20.09 -7.35 -17.35
C VAL A 39 -21.07 -6.74 -16.35
N CYS A 40 -21.27 -7.43 -15.24
CA CYS A 40 -22.14 -6.94 -14.18
C CYS A 40 -21.50 -7.33 -12.85
N SER A 41 -21.93 -6.69 -11.77
CA SER A 41 -21.40 -6.99 -10.45
C SER A 41 -22.54 -7.37 -9.51
N PRO A 42 -22.87 -8.67 -9.43
CA PRO A 42 -23.96 -9.11 -8.54
C PRO A 42 -23.71 -8.67 -7.09
N LYS A 43 -24.71 -8.03 -6.51
CA LYS A 43 -24.59 -7.53 -5.14
C LYS A 43 -24.70 -8.63 -4.08
N THR A 44 -25.41 -9.70 -4.38
CA THR A 44 -25.57 -10.80 -3.42
C THR A 44 -25.57 -12.15 -4.15
N PRO A 45 -25.39 -13.25 -3.41
CA PRO A 45 -25.38 -14.57 -4.05
C PRO A 45 -26.68 -14.82 -4.80
N GLN A 46 -27.79 -14.35 -4.24
CA GLN A 46 -29.09 -14.53 -4.86
C GLN A 46 -29.17 -13.86 -6.22
N ASP A 47 -28.38 -12.80 -6.41
CA ASP A 47 -28.37 -12.12 -7.70
C ASP A 47 -27.68 -12.99 -8.74
N VAL A 48 -26.78 -13.85 -8.30
CA VAL A 48 -26.11 -14.75 -9.24
C VAL A 48 -27.14 -15.78 -9.68
N VAL A 49 -28.01 -16.18 -8.75
CA VAL A 49 -29.06 -17.14 -9.06
C VAL A 49 -29.97 -16.54 -10.12
N ARG A 50 -30.35 -15.28 -9.91
CA ARG A 50 -31.21 -14.60 -10.87
C ARG A 50 -30.54 -14.54 -12.24
N LEU A 51 -29.24 -14.33 -12.26
CA LEU A 51 -28.49 -14.28 -13.51
C LEU A 51 -28.50 -15.63 -14.21
N ALA A 52 -28.30 -16.68 -13.44
CA ALA A 52 -28.27 -18.04 -13.96
C ALA A 52 -29.61 -18.42 -14.59
N ASN A 53 -30.71 -18.10 -13.90
CA ASN A 53 -32.01 -18.43 -14.44
C ASN A 53 -32.32 -17.60 -15.67
N TRP A 54 -31.94 -16.33 -15.66
CA TRP A 54 -32.16 -15.48 -16.80
C TRP A 54 -31.35 -16.02 -17.98
N ALA A 55 -30.10 -16.38 -17.71
CA ALA A 55 -29.21 -16.92 -18.74
C ALA A 55 -29.80 -18.17 -19.36
N HIS A 56 -30.30 -19.07 -18.52
CA HIS A 56 -30.91 -20.31 -18.98
C HIS A 56 -32.07 -20.03 -19.93
N GLU A 57 -32.97 -19.15 -19.52
CA GLU A 57 -34.13 -18.81 -20.33
C GLU A 57 -33.84 -18.09 -21.62
N HIS A 58 -32.63 -17.55 -21.78
CA HIS A 58 -32.28 -16.84 -22.99
C HIS A 58 -31.07 -17.40 -23.72
N ASP A 59 -30.68 -18.63 -23.36
CA ASP A 59 -29.54 -19.29 -23.96
C ASP A 59 -28.23 -18.50 -23.90
N TYR A 60 -28.00 -17.86 -22.76
CA TYR A 60 -26.78 -17.11 -22.52
C TYR A 60 -25.93 -17.93 -21.56
N LYS A 61 -24.64 -17.61 -21.48
CA LYS A 61 -23.74 -18.29 -20.56
C LYS A 61 -23.31 -17.27 -19.52
N ILE A 62 -22.89 -17.77 -18.36
CA ILE A 62 -22.44 -16.91 -17.26
C ILE A 62 -21.05 -17.37 -16.83
N ARG A 63 -20.12 -16.44 -16.68
CA ARG A 63 -18.77 -16.78 -16.23
C ARG A 63 -18.40 -15.88 -15.05
N PRO A 64 -17.91 -16.47 -13.96
CA PRO A 64 -17.52 -15.65 -12.81
C PRO A 64 -16.22 -14.93 -13.17
N ARG A 65 -16.09 -13.66 -12.82
CA ARG A 65 -14.87 -12.93 -13.14
C ARG A 65 -14.15 -12.54 -11.86
N GLY A 66 -12.99 -13.15 -11.66
CA GLY A 66 -12.18 -12.87 -10.47
C GLY A 66 -11.15 -11.82 -10.82
N ALA A 67 -9.89 -12.07 -10.46
CA ALA A 67 -8.81 -11.12 -10.74
C ALA A 67 -8.28 -11.14 -12.18
N MET A 68 -8.85 -12.01 -13.01
CA MET A 68 -8.48 -12.11 -14.42
C MET A 68 -7.05 -12.54 -14.70
N HIS A 69 -6.44 -13.24 -13.75
CA HIS A 69 -5.07 -13.72 -13.89
C HIS A 69 -5.00 -15.01 -14.71
N GLY A 70 -6.15 -15.62 -14.93
CA GLY A 70 -6.18 -16.88 -15.67
C GLY A 70 -5.58 -16.92 -17.07
N TRP A 71 -4.64 -17.85 -17.26
CA TRP A 71 -4.02 -18.05 -18.57
C TRP A 71 -4.95 -19.00 -19.34
N THR A 72 -5.43 -20.03 -18.66
CA THR A 72 -6.31 -21.02 -19.26
C THR A 72 -7.65 -20.34 -19.61
N PRO A 73 -8.11 -20.48 -20.86
CA PRO A 73 -9.36 -19.88 -21.34
C PRO A 73 -10.67 -20.38 -20.76
N LEU A 74 -10.76 -20.33 -19.43
CA LEU A 74 -11.95 -20.81 -18.73
C LEU A 74 -13.00 -19.71 -18.52
N THR A 75 -12.64 -18.46 -18.78
CA THR A 75 -13.61 -17.39 -18.66
C THR A 75 -14.08 -17.14 -20.09
N VAL A 76 -13.23 -16.54 -20.91
CA VAL A 76 -13.55 -16.31 -22.31
C VAL A 76 -12.40 -16.80 -23.19
N GLU A 77 -12.73 -17.26 -24.38
CA GLU A 77 -11.70 -17.73 -25.31
C GLU A 77 -11.29 -16.62 -26.27
N LYS A 78 -10.02 -16.64 -26.66
CA LYS A 78 -9.50 -15.64 -27.59
C LYS A 78 -10.31 -15.72 -28.89
N GLY A 79 -10.77 -14.56 -29.36
CA GLY A 79 -11.53 -14.51 -30.59
C GLY A 79 -12.92 -15.12 -30.61
N ALA A 80 -13.44 -15.50 -29.44
CA ALA A 80 -14.77 -16.11 -29.38
C ALA A 80 -15.89 -15.09 -29.48
N ASN A 81 -17.05 -15.54 -29.93
CA ASN A 81 -18.22 -14.66 -30.02
C ASN A 81 -18.81 -14.66 -28.62
N VAL A 82 -18.82 -13.51 -27.96
CA VAL A 82 -19.36 -13.42 -26.61
C VAL A 82 -20.62 -12.58 -26.53
N GLU A 83 -21.37 -12.53 -27.63
CA GLU A 83 -22.61 -11.76 -27.66
C GLU A 83 -23.62 -12.36 -26.70
N LYS A 84 -23.49 -13.65 -26.42
CA LYS A 84 -24.40 -14.32 -25.51
C LYS A 84 -23.71 -14.80 -24.25
N VAL A 85 -22.83 -13.97 -23.72
CA VAL A 85 -22.11 -14.30 -22.49
C VAL A 85 -22.16 -13.11 -21.55
N ILE A 86 -22.37 -13.39 -20.26
CA ILE A 86 -22.39 -12.35 -19.25
C ILE A 86 -21.30 -12.69 -18.24
N LEU A 87 -20.42 -11.74 -17.96
CA LEU A 87 -19.36 -11.97 -16.98
C LEU A 87 -19.83 -11.36 -15.68
N ALA A 88 -19.77 -12.15 -14.61
CA ALA A 88 -20.20 -11.71 -13.29
C ALA A 88 -18.98 -11.42 -12.41
N ASP A 89 -18.66 -10.14 -12.27
CA ASP A 89 -17.53 -9.70 -11.44
C ASP A 89 -17.91 -9.97 -9.99
N THR A 90 -17.23 -10.91 -9.36
CA THR A 90 -17.51 -11.29 -7.99
C THR A 90 -16.73 -10.49 -6.95
N MET A 91 -15.69 -9.79 -7.37
CA MET A 91 -14.87 -9.04 -6.42
C MET A 91 -15.47 -7.71 -5.99
N THR A 92 -16.44 -7.20 -6.73
CA THR A 92 -17.07 -5.93 -6.38
C THR A 92 -17.85 -6.00 -5.07
N HIS A 93 -18.71 -7.02 -4.94
CA HIS A 93 -19.55 -7.17 -3.74
C HIS A 93 -19.45 -8.50 -3.00
N LEU A 94 -19.21 -9.60 -3.70
CA LEU A 94 -19.14 -10.91 -3.05
C LEU A 94 -17.75 -11.14 -2.45
N ASN A 95 -17.39 -10.26 -1.53
CA ASN A 95 -16.06 -10.29 -0.91
C ASN A 95 -16.07 -10.27 0.63
N GLY A 96 -17.18 -10.67 1.24
CA GLY A 96 -17.24 -10.67 2.69
C GLY A 96 -16.27 -11.66 3.33
N ILE A 97 -15.76 -11.31 4.49
CA ILE A 97 -14.81 -12.18 5.20
C ILE A 97 -15.13 -12.21 6.70
N THR A 98 -15.34 -13.41 7.23
CA THR A 98 -15.63 -13.57 8.65
C THR A 98 -14.86 -14.76 9.21
N VAL A 99 -14.11 -14.51 10.28
CA VAL A 99 -13.33 -15.57 10.91
C VAL A 99 -14.16 -16.24 12.00
N ASN A 100 -14.20 -17.57 11.96
CA ASN A 100 -14.96 -18.34 12.95
C ASN A 100 -13.98 -19.12 13.83
N THR A 101 -13.80 -18.66 15.06
CA THR A 101 -12.88 -19.33 15.99
C THR A 101 -13.59 -20.25 16.98
N GLY A 102 -14.87 -20.51 16.75
CA GLY A 102 -15.61 -21.36 17.65
C GLY A 102 -15.87 -22.75 17.10
N GLY A 103 -14.97 -23.69 17.38
CA GLY A 103 -15.14 -25.04 16.89
C GLY A 103 -13.90 -25.90 17.03
N PRO A 104 -13.90 -27.13 16.49
CA PRO A 104 -12.77 -28.04 16.55
C PRO A 104 -11.52 -27.45 15.90
N VAL A 105 -11.74 -26.65 14.86
CA VAL A 105 -10.66 -26.00 14.15
C VAL A 105 -11.16 -24.64 13.69
N ALA A 106 -10.27 -23.64 13.70
CA ALA A 106 -10.64 -22.31 13.27
C ALA A 106 -10.91 -22.33 11.77
N THR A 107 -11.86 -21.51 11.33
CA THR A 107 -12.19 -21.42 9.92
C THR A 107 -12.45 -19.98 9.56
N VAL A 108 -12.55 -19.72 8.26
CA VAL A 108 -12.84 -18.39 7.78
C VAL A 108 -13.82 -18.54 6.63
N THR A 109 -14.87 -17.73 6.63
CA THR A 109 -15.87 -17.76 5.59
C THR A 109 -15.65 -16.55 4.72
N ALA A 110 -15.59 -16.76 3.41
CA ALA A 110 -15.34 -15.65 2.51
C ALA A 110 -16.14 -15.73 1.21
N GLY A 111 -16.60 -14.57 0.76
CA GLY A 111 -17.32 -14.52 -0.50
C GLY A 111 -16.30 -14.96 -1.54
N ALA A 112 -16.77 -15.59 -2.61
CA ALA A 112 -15.86 -16.08 -3.65
C ALA A 112 -15.04 -15.01 -4.34
N GLY A 113 -15.45 -13.76 -4.20
CA GLY A 113 -14.73 -12.65 -4.83
C GLY A 113 -13.66 -12.02 -3.96
N ALA A 114 -13.53 -12.47 -2.72
CA ALA A 114 -12.51 -11.93 -1.81
C ALA A 114 -11.13 -12.40 -2.27
N SER A 115 -10.13 -11.53 -2.15
CA SER A 115 -8.77 -11.89 -2.55
C SER A 115 -8.15 -12.75 -1.44
N ILE A 116 -7.21 -13.61 -1.80
CA ILE A 116 -6.59 -14.44 -0.78
C ILE A 116 -5.79 -13.58 0.20
N GLU A 117 -5.25 -12.47 -0.28
CA GLU A 117 -4.48 -11.59 0.60
C GLU A 117 -5.40 -10.99 1.66
N ALA A 118 -6.61 -10.59 1.23
CA ALA A 118 -7.56 -10.01 2.17
C ALA A 118 -7.93 -11.06 3.22
N ILE A 119 -8.17 -12.30 2.77
CA ILE A 119 -8.52 -13.38 3.69
C ILE A 119 -7.42 -13.66 4.72
N VAL A 120 -6.18 -13.86 4.26
CA VAL A 120 -5.11 -14.16 5.18
C VAL A 120 -4.72 -12.97 6.06
N THR A 121 -5.01 -11.76 5.59
CA THR A 121 -4.71 -10.56 6.37
C THR A 121 -5.64 -10.57 7.58
N GLU A 122 -6.89 -10.96 7.36
CA GLU A 122 -7.85 -11.04 8.45
C GLU A 122 -7.47 -12.19 9.36
N LEU A 123 -7.01 -13.30 8.79
CA LEU A 123 -6.60 -14.44 9.60
C LEU A 123 -5.48 -14.00 10.54
N GLN A 124 -4.55 -13.21 10.02
CA GLN A 124 -3.42 -12.73 10.82
C GLN A 124 -3.89 -11.96 12.06
N LYS A 125 -4.99 -11.22 11.92
CA LYS A 125 -5.52 -10.46 13.05
C LYS A 125 -5.97 -11.37 14.19
N HIS A 126 -6.17 -12.65 13.87
CA HIS A 126 -6.60 -13.64 14.84
C HIS A 126 -5.53 -14.68 15.11
N ASP A 127 -4.29 -14.37 14.75
CA ASP A 127 -3.15 -15.27 14.94
C ASP A 127 -3.37 -16.59 14.20
N LEU A 128 -3.95 -16.49 13.00
CA LEU A 128 -4.21 -17.66 12.16
C LEU A 128 -3.55 -17.44 10.81
N GLY A 129 -3.43 -18.51 10.03
CA GLY A 129 -2.81 -18.39 8.73
C GLY A 129 -2.83 -19.69 7.93
N TRP A 130 -2.38 -19.60 6.68
CA TRP A 130 -2.31 -20.76 5.79
C TRP A 130 -0.83 -21.06 5.53
N ALA A 131 -0.51 -22.35 5.46
CA ALA A 131 0.87 -22.78 5.29
C ALA A 131 1.47 -22.78 3.89
N ASN A 132 0.63 -22.96 2.86
CA ASN A 132 1.13 -23.04 1.49
C ASN A 132 0.42 -22.06 0.54
N LEU A 133 0.79 -20.79 0.65
CA LEU A 133 0.18 -19.73 -0.14
C LEU A 133 0.70 -19.49 -1.54
N PRO A 134 -0.20 -19.14 -2.48
CA PRO A 134 0.23 -18.87 -3.85
C PRO A 134 1.07 -17.59 -3.75
N ALA A 135 1.97 -17.35 -4.69
CA ALA A 135 2.83 -16.17 -4.65
C ALA A 135 2.14 -14.79 -4.77
N PRO A 136 1.05 -14.68 -5.54
CA PRO A 136 0.37 -13.38 -5.65
C PRO A 136 -0.89 -13.34 -4.78
N GLY A 137 -1.01 -12.34 -3.92
CA GLY A 137 -2.17 -12.25 -3.06
C GLY A 137 -3.42 -11.69 -3.71
N VAL A 138 -3.30 -11.16 -4.92
CA VAL A 138 -4.43 -10.56 -5.62
C VAL A 138 -5.51 -11.54 -6.10
N LEU A 139 -5.15 -12.82 -6.19
CA LEU A 139 -6.10 -13.83 -6.66
C LEU A 139 -7.38 -13.92 -5.85
N SER A 140 -8.52 -14.06 -6.53
CA SER A 140 -9.78 -14.21 -5.83
C SER A 140 -9.74 -15.62 -5.29
N ILE A 141 -10.42 -15.86 -4.16
CA ILE A 141 -10.42 -17.19 -3.60
C ILE A 141 -11.13 -18.15 -4.55
N GLY A 142 -12.15 -17.67 -5.25
CA GLY A 142 -12.87 -18.52 -6.18
C GLY A 142 -11.98 -18.96 -7.33
N GLY A 143 -11.17 -18.03 -7.82
CA GLY A 143 -10.26 -18.32 -8.91
C GLY A 143 -9.10 -19.21 -8.48
N ALA A 144 -8.70 -19.08 -7.22
CA ALA A 144 -7.60 -19.88 -6.69
C ALA A 144 -8.04 -21.33 -6.48
N LEU A 145 -9.22 -21.51 -5.91
CA LEU A 145 -9.73 -22.86 -5.67
C LEU A 145 -9.99 -23.58 -6.98
N ALA A 146 -10.43 -22.84 -8.00
CA ALA A 146 -10.74 -23.42 -9.30
C ALA A 146 -9.59 -24.22 -9.93
N VAL A 147 -8.35 -23.88 -9.60
CA VAL A 147 -7.20 -24.56 -10.17
C VAL A 147 -6.26 -25.18 -9.13
N ASN A 148 -6.78 -25.43 -7.95
CA ASN A 148 -6.01 -25.98 -6.83
C ASN A 148 -4.72 -25.17 -6.60
N ALA A 149 -4.89 -23.85 -6.52
CA ALA A 149 -3.78 -22.92 -6.30
C ALA A 149 -2.93 -23.38 -5.13
N HIS A 150 -1.62 -23.14 -5.23
CA HIS A 150 -0.67 -23.60 -4.22
C HIS A 150 0.59 -22.75 -4.18
N GLY A 151 1.43 -23.05 -3.21
CA GLY A 151 2.70 -22.35 -3.07
C GLY A 151 3.87 -23.32 -3.24
N ALA A 152 4.98 -23.04 -2.58
CA ALA A 152 6.19 -23.84 -2.66
C ALA A 152 6.54 -24.45 -1.31
N ALA A 153 5.51 -24.70 -0.50
CA ALA A 153 5.70 -25.21 0.84
C ALA A 153 5.62 -26.71 1.09
N LEU A 154 6.56 -27.20 1.88
CA LEU A 154 6.62 -28.59 2.32
C LEU A 154 7.15 -28.49 3.75
N PRO A 155 6.81 -29.44 4.60
CA PRO A 155 7.34 -29.35 5.97
C PRO A 155 8.78 -29.84 5.93
N ALA A 156 9.65 -29.26 6.75
CA ALA A 156 11.04 -29.70 6.77
C ALA A 156 11.06 -31.10 7.38
N VAL A 157 12.14 -31.83 7.18
CA VAL A 157 12.24 -33.17 7.75
C VAL A 157 12.01 -33.08 9.25
N GLY A 158 11.06 -33.87 9.75
CA GLY A 158 10.76 -33.87 11.17
C GLY A 158 9.76 -32.84 11.62
N GLN A 159 9.40 -31.92 10.73
CA GLN A 159 8.45 -30.86 11.06
C GLN A 159 7.02 -31.41 11.00
N THR A 160 6.23 -31.16 12.02
CA THR A 160 4.85 -31.64 12.04
C THR A 160 3.92 -30.60 11.42
N THR A 161 2.85 -31.08 10.78
CA THR A 161 1.88 -30.18 10.17
C THR A 161 0.92 -29.74 11.26
N LEU A 162 0.96 -28.46 11.61
CA LEU A 162 0.08 -27.93 12.65
C LEU A 162 -1.39 -28.11 12.29
N PRO A 163 -2.23 -28.40 13.30
CA PRO A 163 -3.67 -28.61 13.08
C PRO A 163 -4.33 -27.45 12.34
N GLY A 164 -4.90 -27.75 11.18
CA GLY A 164 -5.56 -26.73 10.38
C GLY A 164 -4.83 -26.43 9.10
N HIS A 165 -3.51 -26.65 9.10
CA HIS A 165 -2.69 -26.39 7.91
C HIS A 165 -2.64 -27.56 6.95
N THR A 166 -2.30 -27.25 5.70
CA THR A 166 -2.14 -28.27 4.67
C THR A 166 -1.00 -27.80 3.79
N TYR A 167 -0.23 -28.75 3.26
CA TYR A 167 0.85 -28.41 2.35
C TYR A 167 0.40 -28.70 0.93
N GLY A 168 -0.87 -29.10 0.82
CA GLY A 168 -1.47 -29.37 -0.47
C GLY A 168 -2.05 -28.07 -1.01
N SER A 169 -3.03 -28.16 -1.90
CA SER A 169 -3.65 -26.97 -2.47
C SER A 169 -4.64 -26.31 -1.52
N LEU A 170 -5.03 -25.09 -1.84
CA LEU A 170 -6.00 -24.37 -1.02
C LEU A 170 -7.34 -25.12 -1.03
N SER A 171 -7.58 -25.86 -2.12
CA SER A 171 -8.81 -26.62 -2.25
C SER A 171 -8.99 -27.66 -1.14
N ASN A 172 -7.89 -28.13 -0.57
CA ASN A 172 -7.94 -29.14 0.48
C ASN A 172 -8.40 -28.58 1.83
N LEU A 173 -8.44 -27.26 1.93
CA LEU A 173 -8.83 -26.58 3.16
C LEU A 173 -10.33 -26.31 3.32
N VAL A 174 -11.11 -26.55 2.27
CA VAL A 174 -12.55 -26.28 2.30
C VAL A 174 -13.36 -27.17 3.26
N THR A 175 -14.10 -26.53 4.16
CA THR A 175 -14.93 -27.26 5.11
C THR A 175 -16.40 -27.20 4.66
N GLU A 176 -16.70 -26.21 3.83
CA GLU A 176 -18.06 -26.01 3.31
C GLU A 176 -18.03 -24.97 2.20
N LEU A 177 -18.99 -25.04 1.29
CA LEU A 177 -19.08 -24.07 0.21
C LEU A 177 -20.52 -23.96 -0.29
N THR A 178 -20.82 -22.83 -0.92
CA THR A 178 -22.14 -22.57 -1.45
C THR A 178 -22.03 -22.25 -2.93
N ALA A 179 -22.89 -22.86 -3.74
CA ALA A 179 -22.86 -22.67 -5.19
C ALA A 179 -24.26 -22.55 -5.77
N VAL A 180 -24.32 -22.09 -7.03
CA VAL A 180 -25.59 -21.94 -7.74
C VAL A 180 -25.83 -23.30 -8.40
N VAL A 181 -26.87 -24.00 -7.95
CA VAL A 181 -27.18 -25.33 -8.44
C VAL A 181 -28.62 -25.50 -8.93
N TRP A 182 -28.81 -26.38 -9.91
CA TRP A 182 -30.14 -26.66 -10.46
C TRP A 182 -30.84 -27.57 -9.45
N ASN A 183 -32.02 -27.17 -8.98
CA ASN A 183 -32.77 -27.97 -8.01
C ASN A 183 -33.88 -28.82 -8.64
N GLY A 184 -33.88 -28.93 -9.97
CA GLY A 184 -34.90 -29.72 -10.63
C GLY A 184 -35.82 -28.90 -11.51
N THR A 185 -36.08 -27.66 -11.10
CA THR A 185 -36.96 -26.78 -11.88
C THR A 185 -36.36 -25.40 -12.08
N THR A 186 -35.34 -25.06 -11.31
CA THR A 186 -34.70 -23.75 -11.42
C THR A 186 -33.37 -23.74 -10.68
N TYR A 187 -32.54 -22.73 -10.93
CA TYR A 187 -31.26 -22.64 -10.23
C TYR A 187 -31.52 -21.99 -8.88
N ALA A 188 -30.76 -22.42 -7.88
CA ALA A 188 -30.88 -21.89 -6.53
C ALA A 188 -29.57 -22.10 -5.80
N LEU A 189 -29.43 -21.47 -4.63
CA LEU A 189 -28.22 -21.61 -3.85
C LEU A 189 -28.28 -22.92 -3.07
N GLU A 190 -27.15 -23.62 -3.01
CA GLU A 190 -27.08 -24.88 -2.27
C GLU A 190 -25.73 -24.94 -1.58
N THR A 191 -25.73 -25.38 -0.32
CA THR A 191 -24.51 -25.48 0.47
C THR A 191 -24.11 -26.93 0.72
N TYR A 192 -22.82 -27.21 0.58
CA TYR A 192 -22.30 -28.56 0.79
C TYR A 192 -21.23 -28.60 1.87
N GLN A 193 -21.28 -29.63 2.71
CA GLN A 193 -20.29 -29.81 3.76
C GLN A 193 -19.17 -30.70 3.22
N ARG A 194 -17.99 -30.64 3.82
CA ARG A 194 -16.87 -31.44 3.35
C ARG A 194 -17.11 -32.95 3.48
N ASN A 195 -18.10 -33.35 4.27
CA ASN A 195 -18.41 -34.76 4.45
C ASN A 195 -19.52 -35.21 3.50
N ASP A 196 -19.82 -34.34 2.53
CA ASP A 196 -20.86 -34.62 1.53
C ASP A 196 -20.19 -35.10 0.24
N PRO A 197 -20.48 -36.34 -0.19
CA PRO A 197 -19.89 -36.90 -1.41
C PRO A 197 -20.01 -36.00 -2.63
N ARG A 198 -21.01 -35.13 -2.65
CA ARG A 198 -21.24 -34.23 -3.78
C ARG A 198 -20.28 -33.06 -3.85
N ILE A 199 -19.52 -32.81 -2.78
CA ILE A 199 -18.62 -31.67 -2.74
C ILE A 199 -17.25 -31.81 -3.39
N THR A 200 -16.70 -33.02 -3.41
CA THR A 200 -15.36 -33.21 -3.95
C THR A 200 -15.08 -32.66 -5.36
N PRO A 201 -16.04 -32.77 -6.29
CA PRO A 201 -15.74 -32.22 -7.62
C PRO A 201 -15.74 -30.68 -7.60
N LEU A 202 -16.42 -30.12 -6.61
CA LEU A 202 -16.54 -28.67 -6.51
C LEU A 202 -15.34 -27.97 -5.86
N LEU A 203 -14.49 -28.73 -5.16
CA LEU A 203 -13.32 -28.15 -4.48
C LEU A 203 -12.30 -27.58 -5.45
N THR A 204 -12.18 -28.20 -6.62
CA THR A 204 -11.30 -27.75 -7.70
C THR A 204 -12.18 -27.97 -8.91
N ASN A 205 -12.87 -26.92 -9.33
CA ASN A 205 -13.83 -27.04 -10.43
C ASN A 205 -13.58 -26.36 -11.76
N LEU A 206 -12.44 -25.70 -11.92
CA LEU A 206 -12.10 -25.03 -13.18
C LEU A 206 -13.16 -24.03 -13.67
N GLY A 207 -13.98 -23.53 -12.76
CA GLY A 207 -15.00 -22.57 -13.14
C GLY A 207 -16.25 -23.21 -13.76
N ARG A 208 -16.33 -24.54 -13.70
CA ARG A 208 -17.48 -25.26 -14.25
C ARG A 208 -18.70 -25.11 -13.33
N CYS A 209 -18.44 -24.72 -12.09
CA CYS A 209 -19.48 -24.52 -11.07
C CYS A 209 -19.30 -23.07 -10.60
N PHE A 210 -20.39 -22.40 -10.25
CA PHE A 210 -20.27 -21.01 -9.78
C PHE A 210 -20.39 -20.99 -8.25
N LEU A 211 -19.28 -20.72 -7.57
CA LEU A 211 -19.25 -20.65 -6.11
C LEU A 211 -19.54 -19.21 -5.68
N THR A 212 -20.33 -19.05 -4.64
CA THR A 212 -20.66 -17.72 -4.14
C THR A 212 -19.96 -17.44 -2.82
N SER A 213 -19.65 -18.51 -2.09
CA SER A 213 -18.98 -18.40 -0.80
C SER A 213 -18.32 -19.73 -0.42
N VAL A 214 -17.26 -19.65 0.38
CA VAL A 214 -16.55 -20.83 0.84
C VAL A 214 -16.10 -20.63 2.28
N THR A 215 -15.95 -21.74 3.00
CA THR A 215 -15.47 -21.69 4.37
C THR A 215 -14.27 -22.61 4.36
N MET A 216 -13.15 -22.13 4.88
CA MET A 216 -11.92 -22.90 4.89
C MET A 216 -11.26 -22.92 6.26
N GLN A 217 -10.62 -24.03 6.59
CA GLN A 217 -9.95 -24.13 7.88
C GLN A 217 -8.65 -23.33 7.85
N ALA A 218 -8.17 -22.98 9.03
CA ALA A 218 -6.94 -22.23 9.16
C ALA A 218 -6.18 -22.76 10.36
N GLY A 219 -4.86 -22.73 10.28
CA GLY A 219 -4.06 -23.19 11.39
C GLY A 219 -3.48 -21.98 12.09
N PRO A 220 -2.66 -22.18 13.12
CA PRO A 220 -2.08 -21.03 13.81
C PRO A 220 -1.08 -20.32 12.90
N ASN A 221 -0.98 -19.00 13.01
CA ASN A 221 -0.04 -18.29 12.15
C ASN A 221 1.35 -18.60 12.67
N PHE A 222 2.36 -18.26 11.88
CA PHE A 222 3.72 -18.56 12.27
C PHE A 222 4.70 -17.61 11.60
N ARG A 223 5.87 -17.44 12.22
CA ARG A 223 6.91 -16.58 11.69
C ARG A 223 7.70 -17.45 10.72
N GLN A 224 8.22 -16.82 9.68
CA GLN A 224 8.96 -17.55 8.66
C GLN A 224 10.06 -16.70 8.03
N ARG A 225 11.20 -17.34 7.81
CA ARG A 225 12.36 -16.69 7.21
C ARG A 225 12.38 -17.03 5.72
N CYS A 226 12.88 -16.12 4.90
CA CYS A 226 13.01 -16.36 3.47
C CYS A 226 14.39 -15.89 3.04
N GLN A 227 15.26 -16.85 2.74
CA GLN A 227 16.63 -16.56 2.33
C GLN A 227 16.79 -16.74 0.83
N SER A 228 17.47 -15.79 0.20
CA SER A 228 17.73 -15.87 -1.24
C SER A 228 19.20 -16.11 -1.50
N TYR A 229 19.47 -16.93 -2.52
CA TYR A 229 20.82 -17.25 -2.93
C TYR A 229 20.92 -17.06 -4.44
N THR A 230 21.98 -16.42 -4.91
CA THR A 230 22.20 -16.24 -6.34
C THR A 230 23.66 -16.60 -6.63
N ASP A 231 24.29 -17.30 -5.69
CA ASP A 231 25.69 -17.68 -5.84
C ASP A 231 25.93 -19.18 -5.98
N ILE A 232 24.88 -19.94 -6.28
CA ILE A 232 25.02 -21.39 -6.46
C ILE A 232 24.89 -21.76 -7.93
N PRO A 233 25.94 -22.37 -8.51
CA PRO A 233 25.87 -22.76 -9.93
C PRO A 233 24.69 -23.71 -10.12
N TRP A 234 24.04 -23.63 -11.28
CA TRP A 234 22.87 -24.48 -11.50
C TRP A 234 23.14 -25.98 -11.44
N ARG A 235 24.31 -26.43 -11.89
CA ARG A 235 24.60 -27.85 -11.84
C ARG A 235 24.77 -28.36 -10.41
N GLU A 236 25.13 -27.46 -9.50
CA GLU A 236 25.28 -27.83 -8.10
C GLU A 236 23.91 -27.86 -7.43
N LEU A 237 23.12 -26.83 -7.69
CA LEU A 237 21.77 -26.74 -7.12
C LEU A 237 20.87 -27.85 -7.61
N PHE A 238 20.97 -28.19 -8.90
CA PHE A 238 20.13 -29.23 -9.50
C PHE A 238 20.89 -30.53 -9.75
N ALA A 239 21.73 -30.92 -8.79
CA ALA A 239 22.56 -32.11 -8.90
C ALA A 239 21.84 -33.43 -8.68
N PRO A 240 22.48 -34.55 -9.06
CA PRO A 240 21.89 -35.87 -8.88
C PRO A 240 21.62 -36.20 -7.42
N LYS A 241 20.76 -37.17 -7.18
CA LYS A 241 20.38 -37.61 -5.85
C LYS A 241 21.61 -37.90 -4.99
N GLY A 242 21.62 -37.37 -3.76
CA GLY A 242 22.71 -37.59 -2.84
C GLY A 242 23.97 -36.77 -3.01
N ALA A 243 24.00 -35.90 -4.00
CA ALA A 243 25.18 -35.07 -4.24
C ALA A 243 25.50 -34.17 -3.05
N ASP A 244 26.79 -33.85 -2.91
CA ASP A 244 27.24 -32.98 -1.83
C ASP A 244 27.01 -31.56 -2.35
N GLY A 245 27.23 -30.56 -1.51
CA GLY A 245 27.02 -29.19 -1.95
C GLY A 245 25.67 -28.61 -1.57
N ARG A 246 25.39 -27.42 -2.09
CA ARG A 246 24.13 -26.72 -1.81
C ARG A 246 23.06 -27.15 -2.80
N THR A 247 22.51 -28.34 -2.57
CA THR A 247 21.50 -28.92 -3.45
C THR A 247 20.07 -28.58 -3.11
N PHE A 248 19.21 -28.63 -4.12
CA PHE A 248 17.79 -28.35 -3.93
C PHE A 248 17.20 -29.29 -2.88
N GLU A 249 17.52 -30.59 -2.99
CA GLU A 249 16.99 -31.55 -2.03
C GLU A 249 17.43 -31.27 -0.60
N LYS A 250 18.66 -30.80 -0.41
CA LYS A 250 19.11 -30.51 0.94
C LYS A 250 18.36 -29.32 1.53
N PHE A 251 18.04 -28.33 0.69
CA PHE A 251 17.30 -27.17 1.17
C PHE A 251 15.89 -27.59 1.59
N VAL A 252 15.27 -28.47 0.81
CA VAL A 252 13.93 -28.94 1.11
C VAL A 252 13.93 -29.77 2.38
N ALA A 253 14.96 -30.58 2.58
CA ALA A 253 15.04 -31.40 3.78
C ALA A 253 15.25 -30.54 5.02
N GLU A 254 16.08 -29.52 4.89
CA GLU A 254 16.40 -28.65 6.02
C GLU A 254 15.35 -27.58 6.35
N SER A 255 14.70 -27.04 5.33
CA SER A 255 13.74 -25.96 5.54
C SER A 255 12.31 -26.22 5.08
N GLY A 256 12.15 -27.11 4.10
CA GLY A 256 10.82 -27.41 3.61
C GLY A 256 10.39 -26.63 2.38
N GLY A 257 10.33 -25.30 2.51
CA GLY A 257 9.91 -24.47 1.38
C GLY A 257 11.06 -24.01 0.50
N ALA A 258 10.90 -24.15 -0.81
CA ALA A 258 11.96 -23.75 -1.73
C ALA A 258 11.48 -23.52 -3.15
N GLU A 259 12.09 -22.55 -3.81
CA GLU A 259 11.74 -22.22 -5.19
C GLU A 259 12.96 -21.67 -5.90
N ALA A 260 13.24 -22.20 -7.09
CA ALA A 260 14.37 -21.74 -7.88
C ALA A 260 13.84 -21.08 -9.14
N ILE A 261 14.47 -19.98 -9.52
CA ILE A 261 14.13 -19.24 -10.72
C ILE A 261 15.45 -19.18 -11.48
N TRP A 262 15.51 -19.88 -12.61
CA TRP A 262 16.73 -19.96 -13.39
C TRP A 262 16.56 -19.28 -14.74
N TYR A 263 17.13 -18.08 -14.87
CA TYR A 263 17.03 -17.30 -16.10
C TYR A 263 17.74 -17.96 -17.26
N PRO A 264 17.21 -17.79 -18.49
CA PRO A 264 17.83 -18.40 -19.66
C PRO A 264 19.27 -17.94 -19.92
N PHE A 265 20.11 -18.90 -20.27
CA PHE A 265 21.50 -18.62 -20.56
C PHE A 265 22.26 -18.00 -19.39
N THR A 266 21.95 -18.44 -18.17
CA THR A 266 22.67 -17.93 -16.99
C THR A 266 23.30 -19.08 -16.23
N GLU A 267 24.31 -18.76 -15.42
CA GLU A 267 25.03 -19.77 -14.65
C GLU A 267 24.47 -20.10 -13.28
N LYS A 268 23.83 -19.12 -12.65
CA LYS A 268 23.32 -19.29 -11.29
C LYS A 268 21.87 -18.87 -11.10
N PRO A 269 21.01 -19.77 -10.59
CA PRO A 269 19.61 -19.40 -10.38
C PRO A 269 19.43 -18.50 -9.16
N TRP A 270 18.21 -18.00 -9.00
CA TRP A 270 17.83 -17.21 -7.83
C TRP A 270 17.07 -18.26 -7.03
N MET A 271 17.67 -18.71 -5.93
CA MET A 271 17.06 -19.71 -5.09
C MET A 271 16.47 -19.09 -3.84
N LYS A 272 15.21 -19.41 -3.55
CA LYS A 272 14.56 -18.89 -2.36
C LYS A 272 14.27 -20.08 -1.45
N VAL A 273 14.53 -19.91 -0.15
CA VAL A 273 14.31 -20.96 0.82
C VAL A 273 13.57 -20.40 2.03
N TRP A 274 12.43 -21.01 2.35
CA TRP A 274 11.60 -20.57 3.48
C TRP A 274 11.81 -21.52 4.66
N THR A 275 12.04 -20.96 5.84
CA THR A 275 12.25 -21.75 7.05
C THR A 275 11.35 -21.23 8.16
N VAL A 276 10.58 -22.13 8.78
CA VAL A 276 9.70 -21.72 9.87
C VAL A 276 10.49 -21.54 11.16
N SER A 277 10.20 -20.47 11.89
CA SER A 277 10.89 -20.17 13.15
C SER A 277 10.41 -21.06 14.30
N PRO A 278 11.32 -21.42 15.22
CA PRO A 278 10.98 -22.27 16.36
C PRO A 278 10.19 -21.49 17.42
N SER A 295 8.05 -9.07 20.06
CA SER A 295 7.59 -10.31 19.44
C SER A 295 8.60 -10.78 18.39
N LEU A 296 9.88 -10.60 18.70
CA LEU A 296 10.95 -11.01 17.79
C LEU A 296 11.49 -12.38 18.16
N VAL A 297 10.77 -13.08 19.03
CA VAL A 297 11.17 -14.41 19.46
C VAL A 297 11.30 -15.33 18.27
N GLY A 298 12.51 -15.79 18.00
CA GLY A 298 12.73 -16.68 16.89
C GLY A 298 13.34 -16.03 15.65
N LYS A 299 13.44 -14.70 15.65
CA LYS A 299 14.02 -14.03 14.49
C LYS A 299 15.53 -14.23 14.44
N PRO A 300 16.03 -14.72 13.31
CA PRO A 300 17.48 -14.94 13.15
C PRO A 300 18.17 -13.59 13.24
N PRO A 301 19.27 -13.50 14.00
CA PRO A 301 20.00 -12.24 14.15
C PRO A 301 20.31 -11.56 12.82
N GLN A 302 20.65 -12.35 11.82
CA GLN A 302 21.02 -11.83 10.50
C GLN A 302 19.85 -11.44 9.59
N ALA A 303 18.64 -11.82 9.95
CA ALA A 303 17.48 -11.53 9.12
C ALA A 303 16.84 -10.16 9.37
N ARG A 304 16.36 -9.53 8.30
CA ARG A 304 15.69 -8.24 8.40
C ARG A 304 14.19 -8.50 8.57
N GLU A 305 13.60 -7.94 9.62
CA GLU A 305 12.18 -8.13 9.85
C GLU A 305 11.34 -7.27 8.91
N VAL A 306 10.36 -7.89 8.26
CA VAL A 306 9.47 -7.18 7.35
C VAL A 306 8.07 -7.25 7.96
N SER A 307 7.23 -6.26 7.67
CA SER A 307 5.87 -6.25 8.22
C SER A 307 4.82 -6.15 7.13
N GLY A 308 5.22 -6.47 5.90
CA GLY A 308 4.31 -6.42 4.78
C GLY A 308 4.84 -7.34 3.70
N PRO A 309 4.00 -7.73 2.74
CA PRO A 309 4.39 -8.62 1.64
C PRO A 309 5.08 -7.89 0.49
N TYR A 310 5.43 -8.65 -0.54
CA TYR A 310 6.06 -8.13 -1.76
C TYR A 310 7.36 -7.40 -1.49
N ASN A 311 8.33 -8.13 -0.96
CA ASN A 311 9.62 -7.56 -0.60
C ASN A 311 10.72 -7.58 -1.66
N TYR A 312 10.38 -7.92 -2.89
CA TYR A 312 11.35 -7.93 -3.97
C TYR A 312 10.96 -6.84 -4.96
N ILE A 313 11.17 -5.59 -4.55
CA ILE A 313 10.81 -4.43 -5.37
C ILE A 313 11.44 -4.40 -6.75
N PHE A 314 12.66 -4.92 -6.86
CA PHE A 314 13.37 -4.93 -8.13
C PHE A 314 12.71 -5.80 -9.18
N SER A 315 11.89 -6.77 -8.75
CA SER A 315 11.22 -7.66 -9.68
C SER A 315 9.86 -7.11 -10.11
N ASP A 316 9.21 -6.38 -9.22
CA ASP A 316 7.90 -5.81 -9.54
C ASP A 316 8.05 -4.46 -10.24
N ASN A 317 9.30 -4.06 -10.51
CA ASN A 317 9.60 -2.78 -11.16
C ASN A 317 10.94 -2.86 -11.88
N LEU A 318 10.93 -2.89 -13.21
CA LEU A 318 12.17 -3.00 -14.00
C LEU A 318 12.67 -1.69 -14.62
N PRO A 319 14.00 -1.54 -14.73
CA PRO A 319 14.66 -0.35 -15.30
C PRO A 319 14.57 -0.27 -16.82
N GLU A 320 15.04 0.86 -17.37
CA GLU A 320 14.99 1.12 -18.81
C GLU A 320 15.75 0.13 -19.71
N PRO A 321 17.02 -0.17 -19.37
CA PRO A 321 17.77 -1.10 -20.22
C PRO A 321 17.03 -2.44 -20.38
N ILE A 322 16.32 -2.83 -19.33
CA ILE A 322 15.56 -4.07 -19.33
C ILE A 322 14.26 -3.90 -20.12
N THR A 323 13.55 -2.82 -19.87
CA THR A 323 12.29 -2.56 -20.58
C THR A 323 12.58 -2.38 -22.06
N ASP A 324 13.77 -1.86 -22.38
CA ASP A 324 14.15 -1.68 -23.78
C ASP A 324 14.39 -3.03 -24.43
N MET A 325 14.97 -3.97 -23.68
CA MET A 325 15.22 -5.31 -24.21
C MET A 325 13.88 -5.97 -24.48
N ILE A 326 12.96 -5.86 -23.52
CA ILE A 326 11.65 -6.46 -23.69
C ILE A 326 10.96 -5.85 -24.91
N GLY A 327 11.06 -4.53 -25.05
CA GLY A 327 10.46 -3.87 -26.19
C GLY A 327 11.03 -4.34 -27.51
N ALA A 328 12.35 -4.53 -27.55
CA ALA A 328 13.02 -4.99 -28.77
C ALA A 328 12.65 -6.44 -29.08
N ILE A 329 12.51 -7.26 -28.03
CA ILE A 329 12.14 -8.65 -28.24
C ILE A 329 10.75 -8.65 -28.88
N ASN A 330 9.84 -7.85 -28.32
CA ASN A 330 8.49 -7.77 -28.85
C ASN A 330 8.46 -7.23 -30.27
N ALA A 331 9.48 -6.46 -30.63
CA ALA A 331 9.56 -5.87 -31.97
C ALA A 331 10.14 -6.83 -33.00
N GLY A 332 10.41 -8.06 -32.58
CA GLY A 332 10.94 -9.07 -33.49
C GLY A 332 12.42 -9.39 -33.36
N ASN A 333 12.99 -9.20 -32.17
CA ASN A 333 14.41 -9.48 -31.95
C ASN A 333 14.61 -10.55 -30.87
N PRO A 334 14.19 -11.80 -31.15
CA PRO A 334 14.35 -12.88 -30.16
C PRO A 334 15.80 -13.21 -29.82
N GLY A 335 16.73 -12.79 -30.66
CA GLY A 335 18.14 -13.05 -30.42
C GLY A 335 18.68 -12.34 -29.19
N ILE A 336 17.86 -11.50 -28.57
CA ILE A 336 18.28 -10.80 -27.36
C ILE A 336 18.27 -11.74 -26.15
N ALA A 337 17.63 -12.90 -26.30
CA ALA A 337 17.54 -13.86 -25.19
C ALA A 337 18.83 -14.11 -24.40
N PRO A 338 19.96 -14.37 -25.08
CA PRO A 338 21.23 -14.62 -24.37
C PRO A 338 21.73 -13.43 -23.56
N LEU A 339 21.18 -12.25 -23.83
CA LEU A 339 21.57 -11.04 -23.09
C LEU A 339 20.54 -10.74 -22.01
N PHE A 340 19.28 -11.04 -22.33
CA PHE A 340 18.15 -10.80 -21.43
C PHE A 340 18.20 -11.64 -20.15
N GLY A 341 18.51 -12.92 -20.29
CA GLY A 341 18.59 -13.78 -19.12
C GLY A 341 19.61 -13.23 -18.13
N PRO A 342 20.86 -12.99 -18.56
CA PRO A 342 21.89 -12.46 -17.69
C PRO A 342 21.50 -11.11 -17.08
N ALA A 343 20.84 -10.26 -17.87
CA ALA A 343 20.41 -8.96 -17.40
C ALA A 343 19.42 -9.11 -16.24
N MET A 344 18.48 -10.03 -16.38
CA MET A 344 17.49 -10.27 -15.33
C MET A 344 18.17 -10.81 -14.07
N TYR A 345 19.14 -11.69 -14.27
CA TYR A 345 19.87 -12.25 -13.14
C TYR A 345 20.61 -11.14 -12.40
N GLU A 346 21.28 -10.26 -13.16
CA GLU A 346 22.02 -9.16 -12.53
C GLU A 346 21.12 -8.22 -11.76
N ILE A 347 19.95 -7.89 -12.31
CA ILE A 347 19.01 -7.02 -11.63
C ILE A 347 18.60 -7.64 -10.31
N THR A 348 18.40 -8.96 -10.33
CA THR A 348 18.01 -9.72 -9.15
C THR A 348 19.12 -9.72 -8.10
N LYS A 349 20.34 -10.08 -8.51
CA LYS A 349 21.48 -10.12 -7.60
C LYS A 349 21.74 -8.75 -6.98
N LEU A 350 21.81 -7.73 -7.84
CA LEU A 350 22.07 -6.37 -7.38
C LEU A 350 20.91 -5.81 -6.54
N GLY A 351 19.69 -6.11 -6.96
CA GLY A 351 18.52 -5.63 -6.24
C GLY A 351 18.39 -6.23 -4.85
N LEU A 352 18.63 -7.54 -4.74
CA LEU A 352 18.56 -8.21 -3.45
C LEU A 352 19.55 -7.59 -2.48
N ALA A 353 20.75 -7.27 -2.97
CA ALA A 353 21.79 -6.69 -2.14
C ALA A 353 21.45 -5.25 -1.73
N ALA A 354 21.14 -4.41 -2.72
CA ALA A 354 20.83 -3.01 -2.46
C ALA A 354 19.67 -2.80 -1.49
N THR A 355 18.66 -3.66 -1.57
CA THR A 355 17.49 -3.56 -0.70
C THR A 355 17.57 -4.44 0.53
N ASN A 356 18.71 -5.11 0.72
CA ASN A 356 18.89 -6.00 1.87
C ASN A 356 17.73 -6.98 1.99
N ALA A 357 17.40 -7.63 0.87
CA ALA A 357 16.29 -8.58 0.84
C ALA A 357 16.72 -10.04 0.69
N ASN A 358 18.01 -10.31 0.89
CA ASN A 358 18.50 -11.70 0.78
C ASN A 358 18.12 -12.56 1.98
N ASP A 359 17.83 -11.91 3.10
CA ASP A 359 17.48 -12.63 4.31
C ASP A 359 16.42 -11.84 5.05
N ILE A 360 15.15 -12.18 4.81
CA ILE A 360 14.04 -11.48 5.47
C ILE A 360 13.24 -12.44 6.36
N TRP A 361 12.45 -11.86 7.26
CA TRP A 361 11.69 -12.66 8.22
C TRP A 361 10.43 -11.91 8.64
N GLY A 362 9.33 -12.66 8.80
CA GLY A 362 8.08 -12.04 9.21
C GLY A 362 6.98 -13.07 9.27
N TRP A 363 5.73 -12.61 9.33
CA TRP A 363 4.61 -13.53 9.37
C TRP A 363 4.49 -14.22 8.01
N SER A 364 3.91 -15.41 8.03
CA SER A 364 3.74 -16.21 6.82
C SER A 364 3.36 -15.46 5.54
N LYS A 365 2.29 -14.68 5.60
CA LYS A 365 1.84 -13.96 4.41
C LYS A 365 2.85 -12.94 3.89
N ASP A 366 3.61 -12.33 4.80
CA ASP A 366 4.58 -11.32 4.39
C ASP A 366 5.78 -11.86 3.61
N VAL A 367 6.13 -13.13 3.84
CA VAL A 367 7.25 -13.70 3.10
C VAL A 367 6.81 -14.66 2.01
N GLN A 368 5.56 -15.11 2.05
CA GLN A 368 5.05 -16.02 1.03
C GLN A 368 4.37 -15.29 -0.14
N PHE A 369 3.90 -14.07 0.10
CA PHE A 369 3.30 -13.27 -0.96
C PHE A 369 4.46 -12.45 -1.51
N TYR A 370 4.88 -12.70 -2.74
CA TYR A 370 6.00 -11.97 -3.31
C TYR A 370 5.88 -11.59 -4.77
N ILE A 371 4.70 -11.85 -5.36
CA ILE A 371 4.48 -11.50 -6.77
C ILE A 371 3.37 -10.47 -6.92
N LYS A 372 3.73 -9.35 -7.54
CA LYS A 372 2.79 -8.27 -7.82
C LYS A 372 2.45 -8.33 -9.30
N ALA A 373 1.22 -7.96 -9.65
CA ALA A 373 0.77 -7.99 -11.04
C ALA A 373 1.65 -7.16 -11.98
N THR A 374 2.46 -6.28 -11.41
CA THR A 374 3.34 -5.42 -12.20
C THR A 374 4.58 -6.15 -12.73
N THR A 375 4.77 -7.41 -12.33
CA THR A 375 5.91 -8.16 -12.80
C THR A 375 5.77 -8.42 -14.30
N LEU A 376 6.87 -8.75 -14.96
CA LEU A 376 6.86 -9.01 -16.40
C LEU A 376 5.82 -10.04 -16.81
N ARG A 377 5.07 -9.73 -17.86
CA ARG A 377 4.03 -10.63 -18.36
C ARG A 377 4.66 -11.81 -19.10
N LEU A 378 4.36 -13.01 -18.64
CA LEU A 378 4.91 -14.21 -19.26
C LEU A 378 3.86 -15.30 -19.39
N THR A 379 4.13 -16.27 -20.25
CA THR A 379 3.21 -17.38 -20.44
C THR A 379 3.99 -18.63 -20.05
N GLU A 380 3.32 -19.64 -19.51
CA GLU A 380 4.05 -20.82 -19.04
C GLU A 380 3.70 -22.20 -19.58
N GLY A 381 4.68 -23.09 -19.47
CA GLY A 381 4.55 -24.47 -19.88
C GLY A 381 5.06 -25.34 -18.76
N GLY A 382 5.12 -26.65 -18.96
CA GLY A 382 5.59 -27.55 -17.92
C GLY A 382 4.43 -28.23 -17.20
N GLY A 383 4.61 -28.49 -15.90
CA GLY A 383 3.55 -29.13 -15.13
C GLY A 383 4.01 -29.73 -13.79
N ALA A 384 3.21 -30.61 -13.24
CA ALA A 384 3.53 -31.24 -11.96
C ALA A 384 3.92 -32.72 -12.06
N VAL A 385 4.94 -33.08 -11.31
CA VAL A 385 5.37 -34.47 -11.25
C VAL A 385 5.02 -34.93 -9.83
N VAL A 386 4.02 -35.80 -9.73
CA VAL A 386 3.58 -36.33 -8.43
C VAL A 386 4.41 -37.57 -8.18
N THR A 387 5.15 -37.57 -7.07
CA THR A 387 6.04 -38.68 -6.77
C THR A 387 6.43 -38.70 -5.29
N SER A 388 7.34 -39.59 -4.93
CA SER A 388 7.79 -39.70 -3.55
C SER A 388 8.78 -38.58 -3.26
N ARG A 389 8.77 -38.09 -2.03
CA ARG A 389 9.67 -37.01 -1.62
C ARG A 389 11.15 -37.37 -1.87
N ALA A 390 11.50 -38.64 -1.76
CA ALA A 390 12.89 -39.06 -1.97
C ALA A 390 13.32 -38.96 -3.43
N ASN A 391 12.37 -38.71 -4.32
CA ASN A 391 12.66 -38.61 -5.75
C ASN A 391 12.84 -37.19 -6.25
N ILE A 392 12.78 -36.21 -5.36
CA ILE A 392 12.91 -34.81 -5.75
C ILE A 392 14.17 -34.47 -6.53
N ALA A 393 15.33 -34.85 -6.02
CA ALA A 393 16.59 -34.55 -6.71
C ALA A 393 16.65 -35.12 -8.12
N THR A 394 16.26 -36.37 -8.28
CA THR A 394 16.30 -37.03 -9.58
C THR A 394 15.39 -36.36 -10.59
N VAL A 395 14.16 -36.04 -10.16
CA VAL A 395 13.20 -35.40 -11.05
C VAL A 395 13.73 -34.06 -11.56
N ILE A 396 14.30 -33.27 -10.64
CA ILE A 396 14.85 -31.96 -10.97
C ILE A 396 16.12 -32.03 -11.81
N ASN A 397 17.00 -32.96 -11.46
CA ASN A 397 18.24 -33.13 -12.21
C ASN A 397 17.92 -33.55 -13.65
N ASP A 398 16.98 -34.48 -13.82
CA ASP A 398 16.61 -34.93 -15.15
C ASP A 398 16.06 -33.78 -15.99
N PHE A 399 15.10 -33.05 -15.43
CA PHE A 399 14.48 -31.95 -16.14
C PHE A 399 15.44 -30.82 -16.51
N THR A 400 16.22 -30.35 -15.55
CA THR A 400 17.13 -29.24 -15.83
C THR A 400 18.20 -29.61 -16.85
N GLU A 401 18.71 -30.83 -16.80
CA GLU A 401 19.71 -31.25 -17.76
C GLU A 401 19.07 -31.34 -19.15
N TRP A 402 17.85 -31.85 -19.21
CA TRP A 402 17.15 -31.94 -20.50
C TRP A 402 16.92 -30.54 -21.06
N PHE A 403 16.41 -29.65 -20.21
CA PHE A 403 16.15 -28.28 -20.63
C PHE A 403 17.42 -27.61 -21.16
N HIS A 404 18.50 -27.75 -20.38
CA HIS A 404 19.78 -27.17 -20.76
C HIS A 404 20.18 -27.61 -22.17
N GLU A 405 20.05 -28.91 -22.44
CA GLU A 405 20.37 -29.46 -23.75
C GLU A 405 19.51 -28.88 -24.86
N ARG A 406 18.21 -28.81 -24.62
CA ARG A 406 17.27 -28.31 -25.61
C ARG A 406 17.44 -26.83 -25.95
N ILE A 407 17.69 -25.99 -24.96
CA ILE A 407 17.84 -24.58 -25.26
C ILE A 407 19.11 -24.34 -26.09
N GLU A 408 20.15 -25.11 -25.82
CA GLU A 408 21.39 -24.97 -26.59
C GLU A 408 21.21 -25.57 -27.99
N PHE A 409 20.39 -26.61 -28.09
CA PHE A 409 20.12 -27.25 -29.38
C PHE A 409 19.53 -26.22 -30.33
N TYR A 410 18.55 -25.44 -29.84
CA TYR A 410 17.95 -24.44 -30.68
C TYR A 410 18.90 -23.26 -30.93
N ARG A 411 19.68 -22.89 -29.93
CA ARG A 411 20.62 -21.79 -30.14
C ARG A 411 21.61 -22.19 -31.23
N ALA A 412 21.95 -23.48 -31.28
CA ALA A 412 22.89 -23.98 -32.27
C ALA A 412 22.34 -23.84 -33.71
N LYS A 413 21.04 -23.62 -33.82
CA LYS A 413 20.40 -23.46 -35.12
C LYS A 413 20.02 -22.00 -35.31
N GLY A 414 20.47 -21.15 -34.38
CA GLY A 414 20.17 -19.73 -34.44
C GLY A 414 18.75 -19.38 -34.02
N GLU A 415 18.12 -20.26 -33.24
CA GLU A 415 16.76 -20.04 -32.78
C GLU A 415 16.68 -19.81 -31.26
N PHE A 416 15.83 -18.87 -30.86
CA PHE A 416 15.68 -18.55 -29.45
C PHE A 416 14.22 -18.56 -29.01
N PRO A 417 13.65 -19.75 -28.88
CA PRO A 417 12.25 -19.91 -28.48
C PRO A 417 12.04 -19.71 -26.97
N LEU A 418 13.14 -19.59 -26.23
CA LEU A 418 13.08 -19.48 -24.77
C LEU A 418 13.79 -18.26 -24.19
N ASN A 419 13.01 -17.28 -23.74
CA ASN A 419 13.60 -16.07 -23.17
C ASN A 419 13.12 -15.78 -21.75
N GLY A 420 12.42 -16.74 -21.16
CA GLY A 420 11.93 -16.59 -19.79
C GLY A 420 12.62 -17.63 -18.91
N PRO A 421 12.48 -17.54 -17.58
CA PRO A 421 13.14 -18.52 -16.71
C PRO A 421 12.44 -19.84 -16.47
N VAL A 422 13.22 -20.79 -15.99
CA VAL A 422 12.73 -22.09 -15.59
C VAL A 422 12.39 -21.82 -14.13
N GLU A 423 11.23 -22.25 -13.66
CA GLU A 423 10.84 -22.05 -12.27
C GLU A 423 10.48 -23.41 -11.69
N ILE A 424 11.09 -23.75 -10.56
CA ILE A 424 10.88 -25.04 -9.91
C ILE A 424 10.60 -24.90 -8.41
N ARG A 425 9.55 -25.57 -7.96
CA ARG A 425 9.19 -25.56 -6.53
C ARG A 425 8.35 -26.80 -6.26
N CYS A 426 8.33 -27.23 -5.00
CA CYS A 426 7.56 -28.39 -4.62
C CYS A 426 6.60 -28.01 -3.51
N CYS A 427 5.56 -28.82 -3.32
CA CYS A 427 4.64 -28.63 -2.20
C CYS A 427 4.03 -30.00 -1.94
N GLY A 428 3.15 -30.08 -0.95
CA GLY A 428 2.54 -31.36 -0.64
C GLY A 428 1.29 -31.64 -1.46
N LEU A 429 0.64 -32.74 -1.11
CA LEU A 429 -0.58 -33.14 -1.80
C LEU A 429 -1.76 -32.86 -0.87
N ASP A 430 -2.97 -33.06 -1.37
CA ASP A 430 -4.17 -32.81 -0.58
C ASP A 430 -4.39 -33.99 0.38
N GLN A 431 -3.54 -34.06 1.41
CA GLN A 431 -3.60 -35.14 2.39
C GLN A 431 -4.87 -35.12 3.25
N ALA A 432 -5.48 -36.29 3.42
CA ALA A 432 -6.70 -36.40 4.21
C ALA A 432 -6.42 -36.06 5.68
N ALA A 433 -5.24 -36.39 6.16
CA ALA A 433 -4.87 -36.12 7.54
C ALA A 433 -4.84 -34.64 7.89
N ASP A 434 -4.69 -33.79 6.87
CA ASP A 434 -4.67 -32.34 7.10
C ASP A 434 -6.05 -31.78 7.39
N VAL A 435 -7.08 -32.45 6.89
CA VAL A 435 -8.45 -31.99 7.08
C VAL A 435 -8.94 -32.35 8.48
N LYS A 436 -9.28 -31.32 9.25
CA LYS A 436 -9.71 -31.49 10.64
C LYS A 436 -11.22 -31.51 10.87
N VAL A 437 -12.00 -31.61 9.79
CA VAL A 437 -13.45 -31.69 9.90
C VAL A 437 -13.83 -32.97 9.17
N PRO A 438 -15.02 -33.53 9.46
CA PRO A 438 -15.38 -34.76 8.76
C PRO A 438 -15.28 -34.51 7.26
N SER A 439 -14.67 -35.45 6.54
CA SER A 439 -14.48 -35.28 5.11
C SER A 439 -14.60 -36.59 4.33
N VAL A 440 -15.15 -36.51 3.12
CA VAL A 440 -15.28 -37.70 2.28
C VAL A 440 -14.05 -37.88 1.40
N GLY A 441 -13.14 -36.91 1.43
CA GLY A 441 -11.93 -37.04 0.62
C GLY A 441 -11.36 -35.74 0.05
N PRO A 442 -10.34 -35.86 -0.80
CA PRO A 442 -9.67 -34.71 -1.44
C PRO A 442 -10.43 -34.24 -2.67
N PRO A 443 -10.03 -33.11 -3.25
CA PRO A 443 -10.70 -32.59 -4.45
C PRO A 443 -10.60 -33.69 -5.50
N THR A 444 -11.68 -33.93 -6.25
CA THR A 444 -11.68 -34.99 -7.25
C THR A 444 -10.63 -34.84 -8.35
N ILE A 445 -10.55 -33.67 -8.96
CA ILE A 445 -9.63 -33.44 -10.06
C ILE A 445 -8.47 -32.46 -9.85
N SER A 446 -8.05 -32.27 -8.61
CA SER A 446 -6.92 -31.37 -8.34
C SER A 446 -5.65 -32.13 -8.73
N ALA A 447 -4.65 -31.41 -9.25
CA ALA A 447 -3.39 -32.06 -9.63
C ALA A 447 -2.70 -32.54 -8.36
N THR A 448 -3.09 -31.97 -7.23
CA THR A 448 -2.51 -32.32 -5.93
C THR A 448 -3.23 -33.47 -5.21
N ARG A 449 -4.20 -34.10 -5.86
CA ARG A 449 -4.90 -35.20 -5.22
C ARG A 449 -3.98 -36.41 -5.08
N PRO A 450 -3.91 -37.01 -3.88
CA PRO A 450 -3.05 -38.18 -3.67
C PRO A 450 -3.49 -39.35 -4.56
N ARG A 451 -2.55 -40.21 -4.92
CA ARG A 451 -2.84 -41.39 -5.72
C ARG A 451 -2.98 -42.59 -4.79
N PRO A 452 -4.19 -43.17 -4.71
CA PRO A 452 -4.46 -44.33 -3.85
C PRO A 452 -3.53 -45.52 -4.12
N ASP A 453 -3.22 -45.74 -5.38
CA ASP A 453 -2.35 -46.85 -5.78
C ASP A 453 -0.88 -46.59 -5.49
N HIS A 454 -0.58 -45.41 -4.95
CA HIS A 454 0.80 -45.05 -4.62
C HIS A 454 0.85 -44.19 -3.37
N PRO A 455 0.64 -44.80 -2.19
CA PRO A 455 0.67 -44.06 -0.93
C PRO A 455 2.00 -43.38 -0.63
N ASP A 456 3.07 -43.86 -1.26
CA ASP A 456 4.39 -43.26 -1.04
C ASP A 456 4.62 -41.97 -1.83
N TRP A 457 3.74 -41.70 -2.79
CA TRP A 457 3.85 -40.47 -3.57
C TRP A 457 3.24 -39.41 -2.67
N ASP A 458 4.06 -38.48 -2.19
CA ASP A 458 3.58 -37.45 -1.27
C ASP A 458 4.02 -36.02 -1.57
N VAL A 459 4.50 -35.78 -2.77
CA VAL A 459 4.89 -34.42 -3.12
C VAL A 459 4.53 -34.14 -4.57
N ALA A 460 4.38 -32.85 -4.89
CA ALA A 460 4.08 -32.42 -6.23
C ALA A 460 5.26 -31.52 -6.58
N ILE A 461 5.99 -31.88 -7.63
CA ILE A 461 7.14 -31.10 -8.04
C ILE A 461 6.69 -30.30 -9.27
N TRP A 462 6.63 -28.99 -9.12
CA TRP A 462 6.19 -28.13 -10.21
C TRP A 462 7.36 -27.70 -11.06
N LEU A 463 7.37 -28.16 -12.31
CA LEU A 463 8.43 -27.83 -13.24
C LEU A 463 7.82 -26.92 -14.31
N ASN A 464 8.15 -25.64 -14.24
CA ASN A 464 7.60 -24.67 -15.19
C ASN A 464 8.65 -23.93 -16.01
N VAL A 465 8.24 -23.48 -17.18
CA VAL A 465 9.12 -22.69 -18.04
C VAL A 465 8.28 -21.49 -18.44
N LEU A 466 8.86 -20.30 -18.36
CA LEU A 466 8.17 -19.06 -18.67
C LEU A 466 8.79 -18.41 -19.90
N GLY A 467 7.99 -17.64 -20.63
CA GLY A 467 8.51 -16.97 -21.82
C GLY A 467 7.64 -15.79 -22.21
N VAL A 468 8.19 -14.88 -23.02
CA VAL A 468 7.44 -13.72 -23.45
C VAL A 468 6.39 -14.11 -24.49
N PRO A 469 5.12 -13.73 -24.26
CA PRO A 469 4.06 -14.06 -25.23
C PRO A 469 4.44 -13.61 -26.64
N GLY A 470 4.16 -14.45 -27.62
CA GLY A 470 4.47 -14.10 -29.00
C GLY A 470 5.83 -14.54 -29.51
N THR A 471 6.66 -15.07 -28.63
CA THR A 471 8.00 -15.52 -29.02
C THR A 471 7.92 -16.66 -30.02
N PRO A 472 8.46 -16.46 -31.24
CA PRO A 472 8.43 -17.51 -32.27
C PRO A 472 9.06 -18.81 -31.78
N GLY A 473 8.38 -19.93 -32.04
CA GLY A 473 8.89 -21.23 -31.62
C GLY A 473 8.69 -21.60 -30.17
N MET A 474 8.24 -20.66 -29.34
CA MET A 474 8.04 -20.93 -27.93
C MET A 474 7.01 -22.04 -27.68
N PHE A 475 5.85 -21.93 -28.31
CA PHE A 475 4.81 -22.94 -28.12
C PHE A 475 5.22 -24.29 -28.71
N GLU A 476 5.96 -24.27 -29.81
CA GLU A 476 6.44 -25.52 -30.40
C GLU A 476 7.33 -26.19 -29.36
N PHE A 477 8.12 -25.38 -28.65
CA PHE A 477 8.99 -25.95 -27.63
C PHE A 477 8.18 -26.46 -26.44
N TYR A 478 7.16 -25.72 -26.04
CA TYR A 478 6.33 -26.17 -24.92
C TYR A 478 5.67 -27.51 -25.28
N ARG A 479 5.34 -27.71 -26.55
CA ARG A 479 4.75 -28.98 -26.98
C ARG A 479 5.81 -30.07 -26.85
N GLU A 480 7.03 -29.76 -27.26
CA GLU A 480 8.12 -30.72 -27.18
C GLU A 480 8.36 -31.10 -25.72
N MET A 481 8.31 -30.11 -24.84
CA MET A 481 8.51 -30.35 -23.41
C MET A 481 7.35 -31.15 -22.81
N GLU A 482 6.13 -30.82 -23.20
CA GLU A 482 4.96 -31.53 -22.69
C GLU A 482 5.06 -33.01 -23.07
N GLN A 483 5.48 -33.28 -24.29
CA GLN A 483 5.63 -34.66 -24.75
C GLN A 483 6.74 -35.37 -24.01
N TRP A 484 7.84 -34.67 -23.75
CA TRP A 484 8.94 -35.27 -23.03
C TRP A 484 8.52 -35.59 -21.59
N MET A 485 7.86 -34.64 -20.93
CA MET A 485 7.44 -34.87 -19.55
C MET A 485 6.45 -36.02 -19.43
N ARG A 486 5.49 -36.09 -20.36
CA ARG A 486 4.50 -37.17 -20.31
C ARG A 486 5.18 -38.52 -20.46
N SER A 487 6.19 -38.59 -21.33
CA SER A 487 6.90 -39.84 -21.54
C SER A 487 7.87 -40.16 -20.42
N HIS A 488 8.55 -39.14 -19.92
CA HIS A 488 9.55 -39.33 -18.88
C HIS A 488 9.04 -39.53 -17.46
N TYR A 489 7.99 -38.81 -17.08
CA TYR A 489 7.48 -38.89 -15.72
C TYR A 489 6.19 -39.69 -15.46
N ASN A 490 5.86 -40.59 -16.38
CA ASN A 490 4.68 -41.44 -16.20
C ASN A 490 5.20 -42.87 -16.13
N ASN A 491 5.55 -43.29 -14.92
CA ASN A 491 6.08 -44.64 -14.70
C ASN A 491 5.69 -45.16 -13.32
N ASP A 492 6.32 -46.27 -12.92
CA ASP A 492 6.04 -46.89 -11.64
C ASP A 492 6.39 -45.99 -10.45
N ASP A 493 7.24 -45.00 -10.67
CA ASP A 493 7.67 -44.12 -9.59
C ASP A 493 7.16 -42.69 -9.63
N ALA A 494 6.34 -42.35 -10.62
CA ALA A 494 5.81 -40.99 -10.72
C ALA A 494 4.75 -40.85 -11.80
N THR A 495 3.95 -39.79 -11.70
CA THR A 495 2.90 -39.52 -12.67
C THR A 495 2.99 -38.03 -12.99
N PHE A 496 2.73 -37.67 -14.25
CA PHE A 496 2.79 -36.28 -14.68
C PHE A 496 1.40 -35.70 -14.85
N ARG A 497 1.17 -34.52 -14.29
CA ARG A 497 -0.12 -33.86 -14.41
C ARG A 497 0.07 -32.39 -14.77
N PRO A 498 -0.58 -31.93 -15.84
CA PRO A 498 -0.44 -30.52 -16.22
C PRO A 498 -0.92 -29.62 -15.08
N GLU A 499 -0.34 -28.43 -14.95
CA GLU A 499 -0.80 -27.50 -13.92
C GLU A 499 -1.98 -26.79 -14.58
N TRP A 500 -3.18 -27.03 -14.06
CA TRP A 500 -4.41 -26.46 -14.61
C TRP A 500 -4.32 -24.99 -15.02
N SER A 501 -3.74 -24.16 -14.16
CA SER A 501 -3.63 -22.73 -14.40
C SER A 501 -2.65 -22.31 -15.50
N LYS A 502 -1.76 -23.21 -15.89
CA LYS A 502 -0.78 -22.86 -16.90
C LYS A 502 -1.15 -23.43 -18.26
N GLY A 503 -0.20 -23.38 -19.19
CA GLY A 503 -0.46 -23.91 -20.51
C GLY A 503 -0.26 -25.42 -20.53
N TRP A 504 -1.02 -26.07 -21.39
CA TRP A 504 -0.94 -27.51 -21.59
C TRP A 504 -1.71 -27.82 -22.87
N ALA A 505 -1.62 -29.07 -23.33
CA ALA A 505 -2.28 -29.47 -24.57
C ALA A 505 -1.79 -28.56 -25.70
N PHE A 506 -0.47 -28.35 -25.77
CA PHE A 506 0.11 -27.50 -26.81
C PHE A 506 0.05 -28.21 -28.16
N GLY A 507 -0.67 -27.63 -29.12
CA GLY A 507 -0.79 -28.29 -30.41
C GLY A 507 -0.49 -27.53 -31.70
N PRO A 508 0.50 -26.63 -31.72
CA PRO A 508 1.43 -26.23 -30.66
C PRO A 508 0.87 -25.16 -29.71
N ASP A 509 -0.11 -24.39 -30.17
CA ASP A 509 -0.69 -23.36 -29.30
C ASP A 509 -1.33 -24.07 -28.12
N PRO A 510 -1.22 -23.47 -26.92
CA PRO A 510 -1.82 -24.13 -25.75
C PRO A 510 -3.33 -24.32 -25.89
N TYR A 511 -3.79 -25.41 -25.30
CA TYR A 511 -5.22 -25.75 -25.30
C TYR A 511 -5.78 -26.08 -26.67
N THR A 512 -4.92 -26.42 -27.63
CA THR A 512 -5.40 -26.75 -28.97
C THR A 512 -5.14 -28.19 -29.41
N ASP A 513 -4.36 -28.95 -28.65
CA ASP A 513 -4.11 -30.34 -29.02
C ASP A 513 -5.39 -31.06 -28.64
N ASN A 514 -6.23 -31.34 -29.64
CA ASN A 514 -7.51 -31.97 -29.39
C ASN A 514 -7.45 -33.32 -28.67
N ASP A 515 -6.45 -34.14 -28.99
CA ASP A 515 -6.35 -35.44 -28.34
C ASP A 515 -6.09 -35.31 -26.85
N ILE A 516 -5.22 -34.38 -26.48
CA ILE A 516 -4.91 -34.18 -25.08
C ILE A 516 -6.13 -33.62 -24.35
N VAL A 517 -6.75 -32.59 -24.93
CA VAL A 517 -7.91 -31.96 -24.31
C VAL A 517 -9.11 -32.91 -24.13
N THR A 518 -9.43 -33.67 -25.17
CA THR A 518 -10.59 -34.55 -25.13
C THR A 518 -10.38 -36.00 -24.74
N ASN A 519 -9.13 -36.45 -24.66
CA ASN A 519 -8.87 -37.84 -24.30
C ASN A 519 -7.82 -38.05 -23.22
N LYS A 520 -6.66 -37.42 -23.36
CA LYS A 520 -5.58 -37.60 -22.40
C LYS A 520 -5.79 -36.99 -21.02
N MET A 521 -6.47 -35.84 -20.93
CA MET A 521 -6.70 -35.26 -19.62
C MET A 521 -7.59 -36.21 -18.83
N ARG A 522 -8.60 -36.77 -19.49
CA ARG A 522 -9.49 -37.72 -18.83
C ARG A 522 -8.67 -38.92 -18.36
N ALA A 523 -7.85 -39.45 -19.25
CA ALA A 523 -7.01 -40.60 -18.93
C ALA A 523 -6.15 -40.33 -17.71
N THR A 524 -5.58 -39.13 -17.65
CA THR A 524 -4.74 -38.74 -16.52
C THR A 524 -5.52 -38.81 -15.22
N TYR A 525 -6.78 -38.37 -15.26
CA TYR A 525 -7.61 -38.35 -14.06
C TYR A 525 -8.54 -39.52 -13.77
N ILE A 526 -8.27 -40.68 -14.37
CA ILE A 526 -9.06 -41.87 -14.08
C ILE A 526 -8.05 -42.93 -13.67
N GLU A 527 -6.78 -42.60 -13.88
CA GLU A 527 -5.67 -43.48 -13.56
C GLU A 527 -5.42 -43.60 -12.06
N GLY A 528 -5.38 -44.84 -11.57
CA GLY A 528 -5.11 -45.09 -10.17
C GLY A 528 -6.19 -44.75 -9.15
N VAL A 529 -7.34 -44.28 -9.62
CA VAL A 529 -8.43 -43.93 -8.72
C VAL A 529 -9.69 -44.75 -8.98
N PRO A 530 -10.60 -44.81 -7.99
CA PRO A 530 -11.85 -45.57 -8.10
C PRO A 530 -12.76 -45.03 -9.19
N THR A 531 -13.55 -45.92 -9.79
CA THR A 531 -14.48 -45.50 -10.83
C THR A 531 -15.64 -44.72 -10.21
N THR A 532 -15.69 -44.71 -8.88
CA THR A 532 -16.74 -44.00 -8.17
C THR A 532 -16.30 -42.60 -7.74
N GLU A 533 -15.05 -42.25 -8.06
CA GLU A 533 -14.52 -40.94 -7.69
C GLU A 533 -13.37 -40.58 -8.62
N ASN A 534 -13.69 -40.26 -9.86
CA ASN A 534 -12.68 -39.88 -10.83
C ASN A 534 -13.18 -38.80 -11.77
N TRP A 535 -12.44 -38.60 -12.86
CA TRP A 535 -12.78 -37.59 -13.85
C TRP A 535 -14.25 -37.68 -14.29
N ASP A 536 -14.72 -38.91 -14.53
CA ASP A 536 -16.10 -39.09 -14.97
C ASP A 536 -17.11 -38.75 -13.87
N THR A 537 -16.74 -39.06 -12.63
CA THR A 537 -17.59 -38.76 -11.48
C THR A 537 -17.78 -37.24 -11.41
N ALA A 538 -16.68 -36.52 -11.64
CA ALA A 538 -16.69 -35.06 -11.60
C ALA A 538 -17.60 -34.49 -12.69
N ARG A 539 -17.41 -34.94 -13.93
CA ARG A 539 -18.23 -34.45 -15.04
C ARG A 539 -19.70 -34.68 -14.75
N ALA A 540 -20.02 -35.85 -14.22
CA ALA A 540 -21.40 -36.18 -13.89
C ALA A 540 -21.98 -35.20 -12.86
N ARG A 541 -21.17 -34.87 -11.85
CA ARG A 541 -21.59 -33.95 -10.82
C ARG A 541 -21.81 -32.54 -11.40
N TYR A 542 -20.86 -32.09 -12.23
CA TYR A 542 -20.96 -30.78 -12.85
C TYR A 542 -22.23 -30.67 -13.71
N ASN A 543 -22.53 -31.74 -14.45
CA ASN A 543 -23.70 -31.74 -15.32
C ASN A 543 -25.02 -31.83 -14.55
N GLN A 544 -25.00 -32.50 -13.41
CA GLN A 544 -26.20 -32.61 -12.59
C GLN A 544 -26.53 -31.22 -12.02
N ILE A 545 -25.50 -30.53 -11.57
CA ILE A 545 -25.64 -29.20 -10.99
C ILE A 545 -25.99 -28.13 -12.03
N ASP A 546 -25.52 -28.34 -13.26
CA ASP A 546 -25.76 -27.38 -14.33
C ASP A 546 -26.03 -28.13 -15.64
N PRO A 547 -27.20 -28.79 -15.73
CA PRO A 547 -27.58 -29.55 -16.93
C PRO A 547 -27.75 -28.70 -18.18
N HIS A 548 -27.93 -27.40 -17.99
CA HIS A 548 -28.12 -26.51 -19.12
C HIS A 548 -26.83 -25.86 -19.58
N ARG A 549 -25.74 -26.24 -18.93
CA ARG A 549 -24.39 -25.75 -19.22
C ARG A 549 -24.30 -24.23 -19.28
N VAL A 550 -24.91 -23.58 -18.31
CA VAL A 550 -24.88 -22.12 -18.23
C VAL A 550 -23.46 -21.67 -17.88
N PHE A 551 -22.79 -22.46 -17.04
CA PHE A 551 -21.44 -22.12 -16.60
C PHE A 551 -20.37 -22.81 -17.44
N THR A 552 -20.33 -22.48 -18.72
CA THR A 552 -19.38 -23.07 -19.64
C THR A 552 -19.06 -22.12 -20.79
N ASN A 553 -18.10 -22.55 -21.61
CA ASN A 553 -17.73 -21.84 -22.84
C ASN A 553 -17.26 -22.94 -23.79
N GLY A 554 -16.90 -22.58 -25.02
CA GLY A 554 -16.48 -23.58 -25.98
C GLY A 554 -15.39 -24.55 -25.57
N PHE A 555 -14.35 -24.04 -24.91
CA PHE A 555 -13.24 -24.87 -24.47
C PHE A 555 -13.69 -25.83 -23.38
N MET A 556 -14.49 -25.32 -22.45
CA MET A 556 -15.00 -26.13 -21.36
C MET A 556 -15.85 -27.29 -21.88
N ASP A 557 -16.52 -27.07 -23.00
CA ASP A 557 -17.36 -28.12 -23.59
C ASP A 557 -16.52 -29.25 -24.16
N LYS A 558 -15.30 -28.94 -24.55
CA LYS A 558 -14.41 -29.96 -25.10
C LYS A 558 -13.71 -30.73 -23.98
N LEU A 559 -13.35 -30.00 -22.92
CA LEU A 559 -12.67 -30.59 -21.78
C LEU A 559 -13.60 -31.33 -20.83
N LEU A 560 -14.73 -30.71 -20.51
CA LEU A 560 -15.69 -31.29 -19.58
C LEU A 560 -17.09 -31.50 -20.14
N PRO A 561 -17.22 -32.36 -21.15
CA PRO A 561 -18.55 -32.62 -21.71
C PRO A 561 -19.45 -33.29 -20.68
N VAL B 5 -28.54 9.38 16.31
CA VAL B 5 -28.29 10.85 16.30
C VAL B 5 -29.44 11.57 15.61
N ALA B 6 -29.90 12.66 16.22
CA ALA B 6 -31.00 13.44 15.68
C ALA B 6 -30.62 14.09 14.34
N PRO B 7 -31.57 14.13 13.39
CA PRO B 7 -31.30 14.72 12.08
C PRO B 7 -31.20 16.25 12.13
N LEU B 8 -30.23 16.79 11.39
CA LEU B 8 -30.03 18.24 11.35
C LEU B 8 -31.13 18.87 10.50
N PRO B 9 -31.48 20.13 10.77
CA PRO B 9 -32.52 20.80 9.98
C PRO B 9 -32.14 20.76 8.50
N THR B 10 -33.13 20.53 7.64
CA THR B 10 -32.88 20.48 6.21
C THR B 10 -32.57 21.88 5.69
N PRO B 11 -31.45 22.05 4.96
CA PRO B 11 -31.08 23.36 4.41
C PRO B 11 -32.16 23.85 3.43
N PRO B 12 -32.53 25.14 3.51
CA PRO B 12 -33.55 25.71 2.62
C PRO B 12 -33.16 25.81 1.14
N ASN B 13 -33.98 25.20 0.30
CA ASN B 13 -33.77 25.21 -1.14
C ASN B 13 -32.31 25.00 -1.57
N PHE B 14 -31.70 23.93 -1.05
CA PHE B 14 -30.32 23.59 -1.37
C PHE B 14 -30.25 23.14 -2.82
N PRO B 15 -29.11 23.38 -3.50
CA PRO B 15 -28.98 22.95 -4.90
C PRO B 15 -29.30 21.45 -5.03
N ASN B 16 -30.40 21.16 -5.75
CA ASN B 16 -30.88 19.79 -5.95
C ASN B 16 -29.90 18.81 -6.60
N ASP B 17 -28.87 19.31 -7.27
CA ASP B 17 -27.91 18.44 -7.93
C ASP B 17 -26.66 18.22 -7.06
N ILE B 18 -26.61 18.88 -5.90
CA ILE B 18 -25.49 18.71 -4.98
C ILE B 18 -25.99 17.91 -3.79
N ALA B 19 -25.65 16.62 -3.78
CA ALA B 19 -26.07 15.73 -2.71
C ALA B 19 -25.53 16.12 -1.34
N LEU B 20 -26.38 16.03 -0.34
CA LEU B 20 -26.02 16.35 1.04
C LEU B 20 -26.06 15.08 1.88
N PHE B 21 -25.12 14.95 2.81
CA PHE B 21 -25.07 13.78 3.68
C PHE B 21 -24.77 14.25 5.10
N GLN B 22 -25.46 13.68 6.08
CA GLN B 22 -25.19 14.04 7.47
C GLN B 22 -24.17 13.04 7.99
N GLN B 23 -22.99 13.52 8.37
CA GLN B 23 -21.94 12.66 8.90
C GLN B 23 -21.36 13.30 10.14
N ALA B 24 -20.76 12.49 11.00
CA ALA B 24 -20.15 13.03 12.20
C ALA B 24 -18.82 13.64 11.76
N TYR B 25 -18.23 14.48 12.60
CA TYR B 25 -16.94 15.06 12.27
C TYR B 25 -15.99 14.74 13.42
N GLN B 26 -14.80 14.25 13.06
CA GLN B 26 -13.78 13.92 14.05
C GLN B 26 -12.44 14.23 13.41
N ASN B 27 -11.62 15.04 14.08
CA ASN B 27 -10.31 15.35 13.53
C ASN B 27 -9.35 14.24 13.93
N TRP B 28 -8.16 14.22 13.34
CA TRP B 28 -7.20 13.17 13.63
C TRP B 28 -6.95 12.90 15.11
N SER B 29 -6.72 13.96 15.89
CA SER B 29 -6.46 13.78 17.32
C SER B 29 -7.69 13.40 18.12
N LYS B 30 -8.86 13.53 17.49
CA LYS B 30 -10.14 13.23 18.11
C LYS B 30 -10.52 14.23 19.19
N GLU B 31 -9.79 15.34 19.25
CA GLU B 31 -10.08 16.39 20.23
C GLU B 31 -11.30 17.19 19.81
N ILE B 32 -11.62 17.13 18.51
CA ILE B 32 -12.79 17.81 17.97
C ILE B 32 -13.71 16.73 17.43
N MET B 33 -14.82 16.50 18.13
CA MET B 33 -15.79 15.51 17.71
C MET B 33 -17.21 16.08 17.76
N LEU B 34 -17.90 16.02 16.63
CA LEU B 34 -19.28 16.48 16.53
C LEU B 34 -20.07 15.32 15.94
N ASP B 35 -21.20 14.99 16.56
CA ASP B 35 -22.02 13.87 16.09
C ASP B 35 -22.67 14.08 14.73
N ALA B 36 -22.89 15.34 14.34
CA ALA B 36 -23.53 15.60 13.07
C ALA B 36 -23.11 16.89 12.38
N THR B 37 -22.89 16.79 11.08
CA THR B 37 -22.51 17.93 10.25
C THR B 37 -23.06 17.67 8.86
N TRP B 38 -23.37 18.74 8.12
CA TRP B 38 -23.86 18.60 6.76
C TRP B 38 -22.62 18.56 5.88
N VAL B 39 -22.54 17.55 5.01
CA VAL B 39 -21.39 17.39 4.14
C VAL B 39 -21.79 17.11 2.70
N CYS B 40 -21.08 17.71 1.75
CA CYS B 40 -21.32 17.47 0.34
C CYS B 40 -19.97 17.34 -0.33
N SER B 41 -19.96 16.80 -1.54
CA SER B 41 -18.72 16.63 -2.30
C SER B 41 -18.83 17.33 -3.64
N PRO B 42 -18.47 18.63 -3.69
CA PRO B 42 -18.55 19.36 -4.95
C PRO B 42 -17.83 18.61 -6.06
N LYS B 43 -18.49 18.47 -7.21
CA LYS B 43 -17.92 17.77 -8.34
C LYS B 43 -16.96 18.61 -9.17
N THR B 44 -17.15 19.93 -9.14
CA THR B 44 -16.31 20.85 -9.89
C THR B 44 -16.13 22.14 -9.10
N PRO B 45 -15.13 22.96 -9.47
CA PRO B 45 -14.90 24.22 -8.76
C PRO B 45 -16.14 25.12 -8.82
N GLN B 46 -16.83 25.09 -9.97
CA GLN B 46 -18.02 25.91 -10.15
C GLN B 46 -19.12 25.54 -9.15
N ASP B 47 -19.12 24.29 -8.69
CA ASP B 47 -20.14 23.88 -7.73
C ASP B 47 -19.88 24.56 -6.39
N VAL B 48 -18.62 24.86 -6.10
CA VAL B 48 -18.28 25.53 -4.85
C VAL B 48 -18.80 26.96 -4.95
N VAL B 49 -18.76 27.53 -6.16
CA VAL B 49 -19.26 28.88 -6.37
C VAL B 49 -20.77 28.86 -6.11
N ARG B 50 -21.45 27.86 -6.66
CA ARG B 50 -22.89 27.74 -6.47
C ARG B 50 -23.21 27.61 -4.98
N LEU B 51 -22.39 26.84 -4.26
CA LEU B 51 -22.58 26.66 -2.83
C LEU B 51 -22.39 27.97 -2.08
N ALA B 52 -21.39 28.74 -2.47
CA ALA B 52 -21.10 30.02 -1.83
C ALA B 52 -22.21 31.06 -2.01
N ASN B 53 -22.77 31.15 -3.20
CA ASN B 53 -23.84 32.11 -3.43
C ASN B 53 -25.10 31.68 -2.71
N TRP B 54 -25.34 30.39 -2.66
CA TRP B 54 -26.51 29.86 -1.97
C TRP B 54 -26.35 30.16 -0.48
N ALA B 55 -25.16 29.91 0.05
CA ALA B 55 -24.87 30.14 1.45
C ALA B 55 -25.05 31.61 1.81
N HIS B 56 -24.56 32.50 0.96
CA HIS B 56 -24.67 33.93 1.21
C HIS B 56 -26.15 34.31 1.38
N GLU B 57 -26.98 33.82 0.46
CA GLU B 57 -28.40 34.13 0.47
C GLU B 57 -29.17 33.55 1.66
N HIS B 58 -28.69 32.43 2.21
CA HIS B 58 -29.39 31.80 3.33
C HIS B 58 -28.63 31.89 4.64
N ASP B 59 -27.60 32.74 4.67
CA ASP B 59 -26.78 32.93 5.86
C ASP B 59 -26.18 31.66 6.42
N TYR B 60 -25.65 30.83 5.53
CA TYR B 60 -24.99 29.59 5.91
C TYR B 60 -23.50 29.83 5.76
N LYS B 61 -22.69 29.02 6.43
CA LYS B 61 -21.24 29.15 6.32
C LYS B 61 -20.76 27.93 5.55
N ILE B 62 -19.63 28.07 4.86
CA ILE B 62 -19.05 26.98 4.08
C ILE B 62 -17.61 26.77 4.53
N ARG B 63 -17.24 25.51 4.77
CA ARG B 63 -15.88 25.18 5.17
C ARG B 63 -15.34 24.06 4.29
N PRO B 64 -14.11 24.18 3.80
CA PRO B 64 -13.54 23.13 2.95
C PRO B 64 -13.10 21.98 3.87
N ARG B 65 -13.37 20.74 3.48
CA ARG B 65 -12.96 19.62 4.31
C ARG B 65 -11.91 18.79 3.58
N GLY B 66 -10.70 18.78 4.14
CA GLY B 66 -9.61 18.02 3.56
C GLY B 66 -9.43 16.71 4.29
N ALA B 67 -8.19 16.38 4.65
CA ALA B 67 -7.88 15.12 5.35
C ALA B 67 -8.30 15.10 6.83
N MET B 68 -8.82 16.22 7.31
CA MET B 68 -9.30 16.34 8.69
C MET B 68 -8.23 16.17 9.78
N HIS B 69 -6.97 16.45 9.44
CA HIS B 69 -5.87 16.34 10.39
C HIS B 69 -5.77 17.58 11.27
N GLY B 70 -6.50 18.62 10.90
CA GLY B 70 -6.44 19.86 11.65
C GLY B 70 -6.73 19.84 13.14
N TRP B 71 -5.78 20.33 13.92
CA TRP B 71 -5.94 20.43 15.37
C TRP B 71 -6.66 21.76 15.65
N THR B 72 -6.19 22.80 14.96
CA THR B 72 -6.74 24.14 15.10
C THR B 72 -8.17 24.10 14.58
N PRO B 73 -9.13 24.60 15.37
CA PRO B 73 -10.56 24.62 15.04
C PRO B 73 -10.99 25.54 13.89
N LEU B 74 -10.36 25.37 12.73
CA LEU B 74 -10.66 26.19 11.56
C LEU B 74 -11.76 25.61 10.66
N THR B 75 -12.16 24.37 10.90
CA THR B 75 -13.25 23.78 10.11
C THR B 75 -14.48 23.97 10.99
N VAL B 76 -14.58 23.17 12.06
CA VAL B 76 -15.68 23.28 13.01
C VAL B 76 -15.12 23.37 14.42
N GLU B 77 -15.82 24.08 15.30
CA GLU B 77 -15.38 24.21 16.68
C GLU B 77 -16.05 23.14 17.52
N LYS B 78 -15.39 22.73 18.60
CA LYS B 78 -15.94 21.73 19.48
C LYS B 78 -17.22 22.30 20.13
N GLY B 79 -18.29 21.52 20.08
CA GLY B 79 -19.56 21.94 20.68
C GLY B 79 -20.32 23.06 20.00
N ALA B 80 -19.85 23.51 18.83
CA ALA B 80 -20.51 24.59 18.11
C ALA B 80 -21.80 24.17 17.41
N ASN B 81 -22.71 25.13 17.24
CA ASN B 81 -23.97 24.86 16.54
C ASN B 81 -23.62 24.91 15.06
N VAL B 82 -23.76 23.78 14.37
CA VAL B 82 -23.44 23.72 12.95
C VAL B 82 -24.67 23.47 12.08
N GLU B 83 -25.84 23.86 12.56
CA GLU B 83 -27.06 23.66 11.78
C GLU B 83 -26.99 24.46 10.49
N LYS B 84 -26.32 25.60 10.53
CA LYS B 84 -26.18 26.45 9.34
C LYS B 84 -24.77 26.46 8.77
N VAL B 85 -24.18 25.27 8.70
CA VAL B 85 -22.82 25.11 8.16
C VAL B 85 -22.80 23.96 7.17
N ILE B 86 -22.12 24.15 6.05
CA ILE B 86 -22.00 23.08 5.06
C ILE B 86 -20.51 22.79 4.88
N LEU B 87 -20.12 21.54 5.06
CA LEU B 87 -18.73 21.15 4.88
C LEU B 87 -18.62 20.63 3.45
N ALA B 88 -17.66 21.16 2.70
CA ALA B 88 -17.46 20.74 1.33
C ALA B 88 -16.22 19.86 1.22
N ASP B 89 -16.44 18.56 1.09
CA ASP B 89 -15.37 17.57 0.96
C ASP B 89 -14.69 17.78 -0.38
N THR B 90 -13.46 18.28 -0.36
CA THR B 90 -12.72 18.55 -1.59
C THR B 90 -11.96 17.35 -2.12
N MET B 91 -11.75 16.34 -1.27
CA MET B 91 -10.98 15.18 -1.69
C MET B 91 -11.71 14.20 -2.60
N THR B 92 -13.04 14.24 -2.57
CA THR B 92 -13.83 13.33 -3.39
C THR B 92 -13.65 13.57 -4.89
N HIS B 93 -13.76 14.82 -5.32
CA HIS B 93 -13.64 15.15 -6.74
C HIS B 93 -12.60 16.21 -7.16
N LEU B 94 -12.34 17.19 -6.29
CA LEU B 94 -11.37 18.24 -6.65
C LEU B 94 -9.96 17.78 -6.32
N ASN B 95 -9.56 16.67 -6.94
CA ASN B 95 -8.26 16.05 -6.71
C ASN B 95 -7.43 15.79 -7.97
N GLY B 96 -7.73 16.51 -9.05
CA GLY B 96 -6.98 16.31 -10.27
C GLY B 96 -5.52 16.74 -10.16
N ILE B 97 -4.64 16.08 -10.90
CA ILE B 97 -3.22 16.40 -10.88
C ILE B 97 -2.62 16.34 -12.29
N THR B 98 -1.97 17.42 -12.70
CA THR B 98 -1.32 17.49 -14.02
C THR B 98 0.04 18.13 -13.86
N VAL B 99 1.04 17.55 -14.50
CA VAL B 99 2.41 18.06 -14.43
C VAL B 99 2.86 18.72 -15.73
N ASN B 100 3.43 19.91 -15.63
CA ASN B 100 3.93 20.65 -16.78
C ASN B 100 5.45 20.67 -16.63
N THR B 101 6.15 19.87 -17.42
CA THR B 101 7.61 19.77 -17.33
C THR B 101 8.37 20.88 -18.05
N GLY B 102 7.68 21.59 -18.95
CA GLY B 102 8.33 22.66 -19.68
C GLY B 102 8.38 24.00 -18.96
N GLY B 103 8.91 25.01 -19.64
CA GLY B 103 9.01 26.33 -19.05
C GLY B 103 10.31 26.51 -18.29
N PRO B 104 10.55 27.71 -17.76
CA PRO B 104 11.78 27.99 -16.99
C PRO B 104 11.85 27.16 -15.71
N VAL B 105 10.68 26.73 -15.24
CA VAL B 105 10.58 25.91 -14.05
C VAL B 105 9.38 24.98 -14.18
N ALA B 106 9.57 23.72 -13.85
CA ALA B 106 8.47 22.76 -13.95
C ALA B 106 7.43 23.09 -12.89
N THR B 107 6.19 22.70 -13.14
CA THR B 107 5.12 22.96 -12.19
C THR B 107 4.14 21.81 -12.17
N VAL B 108 3.27 21.80 -11.17
CA VAL B 108 2.25 20.79 -11.04
C VAL B 108 0.97 21.51 -10.64
N THR B 109 -0.12 21.22 -11.35
CA THR B 109 -1.40 21.82 -11.04
C THR B 109 -2.23 20.75 -10.36
N ALA B 110 -2.82 21.09 -9.20
CA ALA B 110 -3.59 20.10 -8.47
C ALA B 110 -4.85 20.65 -7.84
N GLY B 111 -5.90 19.83 -7.81
CA GLY B 111 -7.14 20.25 -7.17
C GLY B 111 -6.77 20.38 -5.71
N ALA B 112 -7.42 21.29 -4.99
CA ALA B 112 -7.12 21.52 -3.59
C ALA B 112 -7.35 20.29 -2.71
N GLY B 113 -8.07 19.30 -3.25
CA GLY B 113 -8.36 18.09 -2.50
C GLY B 113 -7.38 16.95 -2.71
N ALA B 114 -6.40 17.14 -3.60
CA ALA B 114 -5.39 16.11 -3.85
C ALA B 114 -4.44 16.03 -2.66
N SER B 115 -4.00 14.83 -2.30
CA SER B 115 -3.07 14.68 -1.17
C SER B 115 -1.67 15.07 -1.64
N ILE B 116 -0.82 15.51 -0.72
CA ILE B 116 0.51 15.87 -1.13
C ILE B 116 1.30 14.65 -1.58
N GLU B 117 0.97 13.47 -1.05
CA GLU B 117 1.67 12.26 -1.48
C GLU B 117 1.31 11.97 -2.94
N ALA B 118 0.03 12.10 -3.28
CA ALA B 118 -0.39 11.86 -4.65
C ALA B 118 0.34 12.81 -5.58
N ILE B 119 0.44 14.07 -5.17
CA ILE B 119 1.11 15.08 -5.98
C ILE B 119 2.59 14.78 -6.22
N VAL B 120 3.35 14.53 -5.15
CA VAL B 120 4.76 14.25 -5.32
C VAL B 120 5.04 12.90 -5.98
N THR B 121 4.06 12.00 -5.92
CA THR B 121 4.20 10.70 -6.57
C THR B 121 4.16 10.95 -8.09
N GLU B 122 3.28 11.83 -8.53
CA GLU B 122 3.18 12.17 -9.95
C GLU B 122 4.45 12.89 -10.36
N LEU B 123 4.95 13.77 -9.48
CA LEU B 123 6.17 14.50 -9.79
C LEU B 123 7.32 13.53 -10.00
N GLN B 124 7.40 12.51 -9.15
CA GLN B 124 8.47 11.51 -9.25
C GLN B 124 8.49 10.85 -10.62
N LYS B 125 7.32 10.67 -11.23
CA LYS B 125 7.23 10.05 -12.54
C LYS B 125 7.93 10.89 -13.61
N HIS B 126 8.16 12.16 -13.31
CA HIS B 126 8.80 13.07 -14.24
C HIS B 126 10.15 13.55 -13.72
N ASP B 127 10.73 12.77 -12.80
CA ASP B 127 12.01 13.08 -12.19
C ASP B 127 11.98 14.47 -11.53
N LEU B 128 10.87 14.76 -10.85
CA LEU B 128 10.68 16.02 -10.15
C LEU B 128 10.29 15.76 -8.71
N GLY B 129 10.42 16.78 -7.87
CA GLY B 129 10.06 16.62 -6.46
C GLY B 129 10.16 17.89 -5.66
N TRP B 130 9.79 17.80 -4.38
CA TRP B 130 9.84 18.94 -3.47
C TRP B 130 10.92 18.65 -2.43
N ALA B 131 11.62 19.71 -2.00
CA ALA B 131 12.72 19.56 -1.06
C ALA B 131 12.40 19.51 0.43
N ASN B 132 11.31 20.14 0.85
CA ASN B 132 10.96 20.20 2.27
C ASN B 132 9.53 19.73 2.54
N LEU B 133 9.37 18.41 2.54
CA LEU B 133 8.05 17.79 2.73
C LEU B 133 7.58 17.55 4.15
N PRO B 134 6.28 17.72 4.38
CA PRO B 134 5.72 17.47 5.71
C PRO B 134 5.86 15.95 5.90
N ALA B 135 5.91 15.50 7.15
CA ALA B 135 6.08 14.08 7.45
C ALA B 135 4.97 13.15 6.95
N PRO B 136 3.71 13.59 6.99
CA PRO B 136 2.62 12.73 6.52
C PRO B 136 2.17 13.08 5.11
N GLY B 137 2.10 12.10 4.23
CA GLY B 137 1.69 12.37 2.87
C GLY B 137 0.18 12.47 2.66
N VAL B 138 -0.59 12.12 3.68
CA VAL B 138 -2.05 12.13 3.58
C VAL B 138 -2.70 13.53 3.50
N LEU B 139 -1.98 14.55 3.93
CA LEU B 139 -2.52 15.91 3.93
C LEU B 139 -2.99 16.40 2.57
N SER B 140 -4.13 17.10 2.54
CA SER B 140 -4.63 17.66 1.28
C SER B 140 -3.75 18.88 1.03
N ILE B 141 -3.52 19.21 -0.23
CA ILE B 141 -2.67 20.36 -0.53
C ILE B 141 -3.33 21.64 -0.02
N GLY B 142 -4.66 21.72 -0.11
CA GLY B 142 -5.33 22.92 0.36
C GLY B 142 -5.12 23.06 1.87
N GLY B 143 -5.16 21.94 2.58
CA GLY B 143 -4.97 21.96 4.03
C GLY B 143 -3.55 22.25 4.46
N ALA B 144 -2.59 21.81 3.65
CA ALA B 144 -1.18 22.01 3.94
C ALA B 144 -0.81 23.49 3.70
N LEU B 145 -1.30 24.05 2.60
CA LEU B 145 -1.02 25.44 2.29
C LEU B 145 -1.63 26.38 3.33
N ALA B 146 -2.81 26.02 3.83
CA ALA B 146 -3.50 26.85 4.81
C ALA B 146 -2.67 27.19 6.05
N VAL B 147 -1.74 26.32 6.40
CA VAL B 147 -0.92 26.52 7.59
C VAL B 147 0.60 26.55 7.32
N ASN B 148 0.97 26.83 6.07
CA ASN B 148 2.37 26.84 5.66
C ASN B 148 3.11 25.56 6.06
N ALA B 149 2.48 24.41 5.75
CA ALA B 149 3.06 23.10 6.06
C ALA B 149 4.51 23.02 5.62
N HIS B 150 5.30 22.27 6.38
CA HIS B 150 6.72 22.17 6.14
C HIS B 150 7.31 20.87 6.67
N GLY B 151 8.59 20.66 6.37
CA GLY B 151 9.30 19.49 6.82
C GLY B 151 10.47 19.90 7.71
N ALA B 152 11.54 19.11 7.70
CA ALA B 152 12.71 19.36 8.52
C ALA B 152 13.95 19.58 7.65
N ALA B 153 13.74 20.11 6.45
CA ALA B 153 14.83 20.31 5.52
C ALA B 153 15.52 21.66 5.46
N LEU B 154 16.85 21.58 5.35
CA LEU B 154 17.72 22.74 5.19
C LEU B 154 18.83 22.24 4.29
N PRO B 155 19.45 23.13 3.49
CA PRO B 155 20.53 22.65 2.63
C PRO B 155 21.76 22.56 3.51
N ALA B 156 22.62 21.58 3.24
CA ALA B 156 23.84 21.43 4.02
C ALA B 156 24.73 22.61 3.70
N VAL B 157 25.77 22.84 4.51
CA VAL B 157 26.67 23.95 4.24
C VAL B 157 27.29 23.73 2.86
N GLY B 158 27.26 24.77 2.03
CA GLY B 158 27.82 24.66 0.70
C GLY B 158 26.90 24.01 -0.32
N GLN B 159 25.69 23.63 0.11
CA GLN B 159 24.73 23.01 -0.80
C GLN B 159 23.87 24.09 -1.43
N THR B 160 23.74 24.06 -2.75
CA THR B 160 22.92 25.06 -3.43
C THR B 160 21.48 24.57 -3.52
N THR B 161 20.55 25.51 -3.58
CA THR B 161 19.13 25.18 -3.68
C THR B 161 18.82 25.02 -5.17
N LEU B 162 18.54 23.78 -5.57
CA LEU B 162 18.23 23.49 -6.97
C LEU B 162 17.03 24.31 -7.45
N PRO B 163 17.08 24.81 -8.69
CA PRO B 163 16.00 25.61 -9.26
C PRO B 163 14.62 24.97 -9.13
N GLY B 164 13.70 25.67 -8.49
CA GLY B 164 12.35 25.14 -8.31
C GLY B 164 12.06 24.74 -6.88
N HIS B 165 13.11 24.35 -6.15
CA HIS B 165 12.97 23.94 -4.76
C HIS B 165 12.97 25.10 -3.79
N THR B 166 12.42 24.85 -2.60
CA THR B 166 12.43 25.84 -1.53
C THR B 166 12.58 25.06 -0.24
N TYR B 167 13.26 25.67 0.73
CA TYR B 167 13.40 25.03 2.02
C TYR B 167 12.42 25.67 2.99
N GLY B 168 11.59 26.57 2.45
CA GLY B 168 10.56 27.21 3.26
C GLY B 168 9.31 26.35 3.22
N SER B 169 8.15 26.96 3.47
CA SER B 169 6.89 26.22 3.48
C SER B 169 6.40 25.92 2.06
N LEU B 170 5.44 25.02 1.96
CA LEU B 170 4.89 24.66 0.66
C LEU B 170 4.20 25.89 0.05
N SER B 171 3.77 26.82 0.88
CA SER B 171 3.09 28.02 0.38
C SER B 171 4.00 28.88 -0.49
N ASN B 172 5.30 28.73 -0.31
CA ASN B 172 6.24 29.53 -1.10
C ASN B 172 6.37 29.02 -2.54
N LEU B 173 5.88 27.82 -2.80
CA LEU B 173 5.98 27.23 -4.13
C LEU B 173 4.85 27.60 -5.09
N VAL B 174 3.84 28.31 -4.61
CA VAL B 174 2.69 28.66 -5.44
C VAL B 174 2.98 29.65 -6.56
N THR B 175 2.64 29.25 -7.80
CA THR B 175 2.82 30.12 -8.96
C THR B 175 1.47 30.67 -9.40
N GLU B 176 0.41 29.98 -9.02
CA GLU B 176 -0.95 30.39 -9.38
C GLU B 176 -1.96 29.62 -8.53
N LEU B 177 -3.10 30.23 -8.28
CA LEU B 177 -4.14 29.57 -7.50
C LEU B 177 -5.51 30.08 -7.89
N THR B 178 -6.51 29.21 -7.77
CA THR B 178 -7.88 29.56 -8.11
C THR B 178 -8.71 29.43 -6.85
N ALA B 179 -9.55 30.42 -6.59
CA ALA B 179 -10.39 30.44 -5.39
C ALA B 179 -11.77 30.99 -5.68
N VAL B 180 -12.69 30.78 -4.73
CA VAL B 180 -14.05 31.29 -4.84
C VAL B 180 -14.02 32.65 -4.16
N VAL B 181 -14.19 33.71 -4.95
CA VAL B 181 -14.15 35.05 -4.38
C VAL B 181 -15.26 35.98 -4.83
N TRP B 182 -15.53 36.97 -3.99
CA TRP B 182 -16.55 37.99 -4.23
C TRP B 182 -16.00 39.00 -5.24
N ASN B 183 -16.75 39.24 -6.32
CA ASN B 183 -16.29 40.18 -7.33
C ASN B 183 -16.98 41.54 -7.25
N GLY B 184 -17.77 41.73 -6.20
CA GLY B 184 -18.48 42.99 -6.01
C GLY B 184 -19.98 42.79 -5.95
N THR B 185 -20.47 41.77 -6.66
CA THR B 185 -21.90 41.47 -6.70
C THR B 185 -22.24 40.00 -6.51
N THR B 186 -21.26 39.11 -6.66
CA THR B 186 -21.50 37.68 -6.51
C THR B 186 -20.19 36.95 -6.33
N TYR B 187 -20.27 35.69 -5.91
CA TYR B 187 -19.07 34.88 -5.75
C TYR B 187 -18.82 34.22 -7.10
N ALA B 188 -17.54 34.15 -7.48
CA ALA B 188 -17.16 33.56 -8.75
C ALA B 188 -15.74 33.04 -8.62
N LEU B 189 -15.32 32.19 -9.55
CA LEU B 189 -13.97 31.66 -9.53
C LEU B 189 -13.01 32.75 -9.97
N GLU B 190 -11.87 32.82 -9.32
CA GLU B 190 -10.85 33.82 -9.66
C GLU B 190 -9.49 33.14 -9.58
N THR B 191 -8.66 33.38 -10.58
CA THR B 191 -7.33 32.81 -10.63
C THR B 191 -6.29 33.90 -10.45
N TYR B 192 -5.42 33.72 -9.46
CA TYR B 192 -4.36 34.69 -9.17
C TYR B 192 -3.01 34.12 -9.54
N GLN B 193 -2.14 34.96 -10.09
CA GLN B 193 -0.80 34.55 -10.44
C GLN B 193 0.12 35.11 -9.36
N ARG B 194 1.28 34.50 -9.19
CA ARG B 194 2.21 34.93 -8.14
C ARG B 194 2.67 36.38 -8.17
N ASN B 195 2.53 37.06 -9.31
CA ASN B 195 2.93 38.45 -9.38
C ASN B 195 1.74 39.42 -9.21
N ASP B 196 0.70 38.95 -8.53
CA ASP B 196 -0.50 39.75 -8.24
C ASP B 196 -0.44 40.06 -6.75
N PRO B 197 -0.42 41.36 -6.39
CA PRO B 197 -0.37 41.76 -4.98
C PRO B 197 -1.45 41.14 -4.10
N ARG B 198 -2.57 40.77 -4.73
CA ARG B 198 -3.69 40.18 -4.03
C ARG B 198 -3.48 38.73 -3.59
N ILE B 199 -2.48 38.07 -4.16
CA ILE B 199 -2.26 36.66 -3.85
C ILE B 199 -1.53 36.32 -2.54
N THR B 200 -0.68 37.20 -2.05
CA THR B 200 0.08 36.89 -0.84
C THR B 200 -0.72 36.47 0.40
N PRO B 201 -1.86 37.12 0.69
CA PRO B 201 -2.60 36.67 1.88
C PRO B 201 -3.22 35.29 1.67
N LEU B 202 -3.39 34.92 0.40
CA LEU B 202 -4.01 33.65 0.03
C LEU B 202 -3.07 32.44 0.05
N LEU B 203 -1.76 32.69 0.03
CA LEU B 203 -0.79 31.61 0.01
C LEU B 203 -0.82 30.75 1.28
N THR B 204 -1.10 31.40 2.40
CA THR B 204 -1.25 30.74 3.71
C THR B 204 -2.47 31.49 4.25
N ASN B 205 -3.65 30.87 4.13
CA ASN B 205 -4.88 31.53 4.52
C ASN B 205 -5.74 30.98 5.65
N LEU B 206 -5.26 29.93 6.33
CA LEU B 206 -5.99 29.35 7.46
C LEU B 206 -7.43 28.94 7.14
N GLY B 207 -7.71 28.72 5.85
CA GLY B 207 -9.05 28.33 5.46
C GLY B 207 -10.02 29.49 5.35
N ARG B 208 -9.49 30.71 5.40
CA ARG B 208 -10.33 31.92 5.30
C ARG B 208 -10.74 32.17 3.85
N CYS B 209 -10.03 31.53 2.91
CA CYS B 209 -10.30 31.64 1.47
C CYS B 209 -10.39 30.24 0.91
N PHE B 210 -11.48 29.93 0.21
CA PHE B 210 -11.67 28.59 -0.34
C PHE B 210 -10.95 28.40 -1.67
N LEU B 211 -9.90 27.57 -1.66
CA LEU B 211 -9.12 27.29 -2.86
C LEU B 211 -9.68 26.05 -3.54
N THR B 212 -9.76 26.08 -4.87
CA THR B 212 -10.26 24.94 -5.61
C THR B 212 -9.14 24.22 -6.35
N SER B 213 -8.06 24.95 -6.63
CA SER B 213 -6.92 24.38 -7.33
C SER B 213 -5.71 25.27 -7.14
N VAL B 214 -4.53 24.70 -7.32
CA VAL B 214 -3.28 25.45 -7.18
C VAL B 214 -2.25 24.92 -8.16
N THR B 215 -1.28 25.76 -8.51
CA THR B 215 -0.19 25.36 -9.39
C THR B 215 1.06 25.70 -8.59
N MET B 216 1.95 24.74 -8.46
CA MET B 216 3.17 24.92 -7.66
C MET B 216 4.44 24.51 -8.38
N GLN B 217 5.54 25.18 -8.05
CA GLN B 217 6.84 24.88 -8.63
C GLN B 217 7.32 23.51 -8.19
N ALA B 218 8.19 22.93 -9.00
CA ALA B 218 8.79 21.64 -8.69
C ALA B 218 10.23 21.68 -9.18
N GLY B 219 11.14 21.14 -8.37
CA GLY B 219 12.53 21.12 -8.75
C GLY B 219 12.87 19.70 -9.14
N PRO B 220 14.12 19.43 -9.56
CA PRO B 220 14.46 18.07 -9.94
C PRO B 220 14.38 17.15 -8.72
N ASN B 221 14.05 15.89 -8.92
CA ASN B 221 13.98 14.98 -7.79
C ASN B 221 15.40 14.62 -7.41
N PHE B 222 15.57 14.00 -6.24
CA PHE B 222 16.91 13.64 -5.78
C PHE B 222 16.89 12.47 -4.82
N ARG B 223 18.03 11.76 -4.74
CA ARG B 223 18.17 10.63 -3.84
C ARG B 223 18.55 11.20 -2.48
N GLN B 224 18.13 10.54 -1.42
CA GLN B 224 18.41 11.06 -0.09
C GLN B 224 18.53 9.94 0.94
N ARG B 225 19.52 10.08 1.83
CA ARG B 225 19.79 9.11 2.88
C ARG B 225 19.11 9.60 4.16
N CYS B 226 18.67 8.66 5.00
CA CYS B 226 18.09 9.04 6.28
C CYS B 226 18.68 8.11 7.33
N GLN B 227 19.57 8.67 8.15
CA GLN B 227 20.22 7.91 9.21
C GLN B 227 19.59 8.23 10.56
N SER B 228 19.41 7.19 11.37
CA SER B 228 18.84 7.36 12.70
C SER B 228 19.88 7.00 13.76
N TYR B 229 19.85 7.76 14.86
CA TYR B 229 20.76 7.54 15.97
C TYR B 229 19.94 7.53 17.25
N THR B 230 20.22 6.57 18.13
CA THR B 230 19.51 6.49 19.40
C THR B 230 20.56 6.33 20.51
N ASP B 231 21.82 6.59 20.16
CA ASP B 231 22.92 6.44 21.10
C ASP B 231 23.62 7.73 21.53
N ILE B 232 22.96 8.86 21.31
CA ILE B 232 23.54 10.15 21.69
C ILE B 232 22.80 10.77 22.87
N PRO B 233 23.48 10.99 24.00
CA PRO B 233 22.81 11.60 25.16
C PRO B 233 22.22 12.94 24.79
N TRP B 234 21.07 13.28 25.37
CA TRP B 234 20.43 14.54 25.04
C TRP B 234 21.30 15.77 25.29
N ARG B 235 22.09 15.78 26.36
CA ARG B 235 22.93 16.95 26.63
C ARG B 235 24.05 17.09 25.58
N GLU B 236 24.43 15.99 24.94
CA GLU B 236 25.46 16.04 23.91
C GLU B 236 24.84 16.51 22.59
N LEU B 237 23.68 15.96 22.27
CA LEU B 237 22.98 16.33 21.04
C LEU B 237 22.50 17.78 21.07
N PHE B 238 21.89 18.16 22.18
CA PHE B 238 21.34 19.50 22.35
C PHE B 238 22.28 20.41 23.14
N ALA B 239 23.57 20.38 22.79
CA ALA B 239 24.57 21.18 23.50
C ALA B 239 24.68 22.63 23.04
N PRO B 240 25.35 23.48 23.85
CA PRO B 240 25.53 24.90 23.52
C PRO B 240 26.35 25.07 22.25
N LYS B 241 26.29 26.25 21.66
CA LYS B 241 27.03 26.53 20.43
C LYS B 241 28.51 26.19 20.57
N GLY B 242 29.05 25.55 19.53
CA GLY B 242 30.47 25.20 19.53
C GLY B 242 30.88 24.01 20.37
N ALA B 243 29.92 23.29 20.93
CA ALA B 243 30.25 22.12 21.74
C ALA B 243 30.87 21.01 20.90
N ASP B 244 31.63 20.15 21.56
CA ASP B 244 32.26 19.03 20.89
C ASP B 244 31.24 17.90 20.85
N GLY B 245 31.52 16.86 20.08
CA GLY B 245 30.59 15.73 20.02
C GLY B 245 29.61 15.72 18.88
N ARG B 246 28.64 14.83 18.98
CA ARG B 246 27.60 14.65 17.96
C ARG B 246 26.45 15.60 18.23
N THR B 247 26.67 16.88 17.91
CA THR B 247 25.69 17.92 18.16
C THR B 247 24.71 18.15 17.02
N PHE B 248 23.55 18.70 17.36
CA PHE B 248 22.51 18.99 16.39
C PHE B 248 23.05 19.94 15.31
N GLU B 249 23.74 21.00 15.74
CA GLU B 249 24.27 21.97 14.78
C GLU B 249 25.25 21.36 13.80
N LYS B 250 26.04 20.38 14.25
CA LYS B 250 26.98 19.73 13.35
C LYS B 250 26.26 18.87 12.32
N PHE B 251 25.15 18.25 12.73
CA PHE B 251 24.38 17.42 11.79
C PHE B 251 23.75 18.31 10.73
N VAL B 252 23.23 19.45 11.15
CA VAL B 252 22.60 20.38 10.21
C VAL B 252 23.64 20.92 9.23
N ALA B 253 24.84 21.22 9.72
CA ALA B 253 25.89 21.75 8.86
C ALA B 253 26.34 20.71 7.83
N GLU B 254 26.50 19.48 8.28
CA GLU B 254 26.96 18.40 7.41
C GLU B 254 25.93 17.84 6.43
N SER B 255 24.69 17.69 6.90
CA SER B 255 23.64 17.09 6.08
C SER B 255 22.46 17.99 5.72
N GLY B 256 22.17 18.96 6.57
CA GLY B 256 21.05 19.86 6.29
C GLY B 256 19.75 19.50 6.98
N GLY B 257 19.18 18.34 6.63
CA GLY B 257 17.92 17.92 7.24
C GLY B 257 18.12 17.14 8.53
N ALA B 258 17.33 17.47 9.54
CA ALA B 258 17.46 16.78 10.82
C ALA B 258 16.24 16.97 11.70
N GLU B 259 15.96 15.94 12.50
CA GLU B 259 14.84 15.99 13.42
C GLU B 259 15.12 15.09 14.60
N ALA B 260 14.91 15.63 15.80
CA ALA B 260 15.09 14.85 17.01
C ALA B 260 13.75 14.62 17.69
N ILE B 261 13.55 13.40 18.18
CA ILE B 261 12.34 13.03 18.91
C ILE B 261 12.89 12.54 20.25
N TRP B 262 12.60 13.30 21.30
CA TRP B 262 13.11 12.99 22.63
C TRP B 262 11.97 12.60 23.57
N TYR B 263 11.85 11.30 23.81
CA TYR B 263 10.78 10.80 24.66
C TYR B 263 10.96 11.27 26.10
N PRO B 264 9.83 11.53 26.80
CA PRO B 264 9.89 12.00 28.19
C PRO B 264 10.61 11.06 29.15
N PHE B 265 11.46 11.63 30.00
CA PHE B 265 12.20 10.89 31.00
C PHE B 265 13.20 9.89 30.42
N THR B 266 13.76 10.23 29.25
CA THR B 266 14.75 9.35 28.63
C THR B 266 16.06 10.09 28.48
N GLU B 267 17.15 9.34 28.34
CA GLU B 267 18.45 9.97 28.21
C GLU B 267 18.93 10.20 26.79
N LYS B 268 18.40 9.45 25.83
CA LYS B 268 18.84 9.56 24.44
C LYS B 268 17.71 9.71 23.44
N PRO B 269 17.71 10.80 22.65
CA PRO B 269 16.66 11.01 21.67
C PRO B 269 16.83 10.10 20.46
N TRP B 270 15.80 10.10 19.61
CA TRP B 270 15.84 9.37 18.35
C TRP B 270 16.14 10.52 17.40
N MET B 271 17.36 10.53 16.86
CA MET B 271 17.79 11.58 15.96
C MET B 271 17.80 11.08 14.52
N LYS B 272 17.14 11.81 13.63
CA LYS B 272 17.12 11.45 12.23
C LYS B 272 17.87 12.53 11.47
N VAL B 273 18.67 12.11 10.50
CA VAL B 273 19.47 13.01 9.69
C VAL B 273 19.35 12.63 8.23
N TRP B 274 18.97 13.59 7.40
CA TRP B 274 18.81 13.40 5.96
C TRP B 274 19.99 14.01 5.20
N THR B 275 20.56 13.25 4.28
CA THR B 275 21.69 13.71 3.50
C THR B 275 21.44 13.48 2.02
N VAL B 276 21.54 14.53 1.22
CA VAL B 276 21.33 14.40 -0.22
C VAL B 276 22.57 13.78 -0.84
N SER B 277 22.36 12.80 -1.72
CA SER B 277 23.45 12.12 -2.40
C SER B 277 24.15 13.05 -3.37
N VAL B 297 23.55 4.93 -8.54
CA VAL B 297 24.81 5.49 -8.04
C VAL B 297 24.52 6.55 -6.98
N GLY B 298 25.47 6.74 -6.07
CA GLY B 298 25.29 7.71 -5.01
C GLY B 298 24.82 7.08 -3.72
N LYS B 299 24.38 5.83 -3.78
CA LYS B 299 23.91 5.14 -2.59
C LYS B 299 25.05 4.68 -1.71
N PRO B 300 25.06 5.13 -0.45
CA PRO B 300 26.13 4.70 0.45
C PRO B 300 26.07 3.18 0.58
N PRO B 301 27.22 2.51 0.58
CA PRO B 301 27.29 1.06 0.68
C PRO B 301 26.52 0.49 1.87
N GLN B 302 26.59 1.18 3.01
CA GLN B 302 25.93 0.73 4.23
C GLN B 302 24.42 0.98 4.30
N ALA B 303 23.90 1.82 3.42
CA ALA B 303 22.47 2.12 3.45
C ALA B 303 21.59 1.12 2.72
N ARG B 304 20.39 0.90 3.25
CA ARG B 304 19.42 0.00 2.64
C ARG B 304 18.51 0.83 1.73
N GLU B 305 18.42 0.42 0.46
CA GLU B 305 17.57 1.16 -0.48
C GLU B 305 16.11 0.83 -0.26
N VAL B 306 15.26 1.85 -0.25
CA VAL B 306 13.82 1.66 -0.08
C VAL B 306 13.12 2.22 -1.32
N SER B 307 11.96 1.70 -1.66
CA SER B 307 11.23 2.17 -2.84
C SER B 307 9.85 2.69 -2.49
N GLY B 308 9.63 2.93 -1.20
CA GLY B 308 8.34 3.42 -0.76
C GLY B 308 8.52 4.20 0.53
N PRO B 309 7.53 5.02 0.91
CA PRO B 309 7.61 5.83 2.15
C PRO B 309 7.17 5.05 3.38
N TYR B 310 7.19 5.73 4.53
CA TYR B 310 6.78 5.17 5.82
C TYR B 310 7.58 3.93 6.19
N ASN B 311 8.88 4.13 6.39
CA ASN B 311 9.80 3.05 6.70
C ASN B 311 10.05 2.74 8.18
N TYR B 312 9.23 3.31 9.07
CA TYR B 312 9.38 3.06 10.50
C TYR B 312 8.11 2.36 10.98
N ILE B 313 8.00 1.09 10.63
CA ILE B 313 6.83 0.28 10.98
C ILE B 313 6.48 0.27 12.46
N PHE B 314 7.51 0.21 13.30
CA PHE B 314 7.32 0.18 14.75
C PHE B 314 6.63 1.42 15.30
N SER B 315 6.81 2.55 14.63
CA SER B 315 6.20 3.80 15.09
C SER B 315 4.77 3.97 14.60
N ASP B 316 4.46 3.45 13.42
CA ASP B 316 3.11 3.55 12.88
C ASP B 316 2.22 2.43 13.38
N ASN B 317 2.81 1.46 14.08
CA ASN B 317 2.06 0.31 14.60
C ASN B 317 2.64 -0.14 15.95
N LEU B 318 2.18 0.48 17.03
CA LEU B 318 2.67 0.14 18.38
C LEU B 318 2.09 -1.17 18.90
N PRO B 319 2.88 -1.94 19.67
CA PRO B 319 2.50 -3.23 20.25
C PRO B 319 1.53 -3.14 21.43
N GLU B 320 1.17 -4.29 21.98
CA GLU B 320 0.22 -4.36 23.10
C GLU B 320 0.69 -3.75 24.41
N PRO B 321 1.90 -4.11 24.88
CA PRO B 321 2.40 -3.55 26.14
C PRO B 321 2.34 -2.02 26.14
N ILE B 322 2.56 -1.44 24.97
CA ILE B 322 2.53 0.01 24.79
C ILE B 322 1.10 0.52 24.75
N THR B 323 0.24 -0.17 24.00
CA THR B 323 -1.15 0.24 23.90
C THR B 323 -1.83 0.07 25.26
N ASP B 324 -1.32 -0.86 26.06
CA ASP B 324 -1.84 -1.10 27.40
C ASP B 324 -1.49 0.11 28.28
N MET B 325 -0.28 0.64 28.12
CA MET B 325 0.15 1.81 28.88
C MET B 325 -0.73 3.00 28.52
N ILE B 326 -0.95 3.17 27.22
CA ILE B 326 -1.77 4.28 26.74
C ILE B 326 -3.20 4.18 27.30
N GLY B 327 -3.75 2.97 27.30
CA GLY B 327 -5.10 2.79 27.82
C GLY B 327 -5.17 3.11 29.30
N ALA B 328 -4.13 2.74 30.03
CA ALA B 328 -4.07 3.01 31.47
C ALA B 328 -3.89 4.50 31.74
N ILE B 329 -3.13 5.18 30.89
CA ILE B 329 -2.94 6.61 31.04
C ILE B 329 -4.30 7.27 30.83
N ASN B 330 -5.03 6.82 29.82
CA ASN B 330 -6.35 7.37 29.54
C ASN B 330 -7.32 7.09 30.67
N ALA B 331 -7.09 5.98 31.38
CA ALA B 331 -7.94 5.58 32.49
C ALA B 331 -7.66 6.34 33.79
N GLY B 332 -6.71 7.28 33.72
CA GLY B 332 -6.40 8.09 34.89
C GLY B 332 -5.11 7.76 35.61
N ASN B 333 -4.13 7.22 34.90
CA ASN B 333 -2.84 6.87 35.51
C ASN B 333 -1.69 7.64 34.85
N PRO B 334 -1.66 8.97 35.04
CA PRO B 334 -0.60 9.78 34.44
C PRO B 334 0.81 9.45 34.92
N GLY B 335 0.91 8.78 36.07
CA GLY B 335 2.20 8.40 36.60
C GLY B 335 2.92 7.39 35.73
N ILE B 336 2.25 6.93 34.68
CA ILE B 336 2.88 5.98 33.78
C ILE B 336 3.87 6.70 32.86
N ALA B 337 3.80 8.03 32.82
CA ALA B 337 4.70 8.81 31.96
C ALA B 337 6.18 8.43 32.03
N PRO B 338 6.76 8.34 33.25
CA PRO B 338 8.18 7.98 33.32
C PRO B 338 8.51 6.53 32.91
N LEU B 339 7.49 5.73 32.63
CA LEU B 339 7.71 4.36 32.17
C LEU B 339 7.40 4.32 30.67
N PHE B 340 6.45 5.16 30.25
CA PHE B 340 6.03 5.23 28.85
C PHE B 340 7.12 5.80 27.94
N GLY B 341 7.78 6.87 28.41
CA GLY B 341 8.84 7.46 27.61
C GLY B 341 9.92 6.44 27.30
N PRO B 342 10.48 5.81 28.34
CA PRO B 342 11.52 4.80 28.12
C PRO B 342 11.04 3.64 27.25
N ALA B 343 9.78 3.24 27.41
CA ALA B 343 9.23 2.13 26.63
C ALA B 343 9.21 2.51 25.14
N MET B 344 8.81 3.74 24.85
CA MET B 344 8.77 4.21 23.47
C MET B 344 10.18 4.29 22.90
N TYR B 345 11.14 4.70 23.73
CA TYR B 345 12.52 4.77 23.27
C TYR B 345 13.02 3.36 22.93
N GLU B 346 12.74 2.40 23.81
CA GLU B 346 13.22 1.04 23.58
C GLU B 346 12.59 0.39 22.36
N ILE B 347 11.30 0.63 22.12
CA ILE B 347 10.66 0.03 20.95
C ILE B 347 11.24 0.64 19.67
N THR B 348 11.68 1.89 19.78
CA THR B 348 12.28 2.60 18.64
C THR B 348 13.67 2.02 18.36
N LYS B 349 14.49 1.92 19.39
CA LYS B 349 15.83 1.39 19.25
C LYS B 349 15.77 -0.05 18.71
N LEU B 350 14.93 -0.88 19.32
CA LEU B 350 14.78 -2.27 18.91
C LEU B 350 14.20 -2.37 17.51
N GLY B 351 13.21 -1.53 17.24
CA GLY B 351 12.54 -1.53 15.96
C GLY B 351 13.45 -1.17 14.80
N LEU B 352 14.23 -0.11 14.97
CA LEU B 352 15.16 0.34 13.95
C LEU B 352 16.16 -0.78 13.64
N ALA B 353 16.62 -1.48 14.67
CA ALA B 353 17.58 -2.54 14.49
C ALA B 353 16.96 -3.75 13.78
N ALA B 354 15.85 -4.24 14.33
CA ALA B 354 15.16 -5.40 13.78
C ALA B 354 14.80 -5.24 12.31
N THR B 355 14.36 -4.05 11.93
CA THR B 355 13.94 -3.80 10.56
C THR B 355 15.01 -3.18 9.67
N ASN B 356 16.23 -3.09 10.20
CA ASN B 356 17.36 -2.50 9.47
C ASN B 356 16.94 -1.14 8.90
N ALA B 357 16.40 -0.28 9.74
CA ALA B 357 15.95 1.04 9.28
C ALA B 357 16.78 2.21 9.80
N ASN B 358 17.94 1.92 10.40
CA ASN B 358 18.81 2.96 10.93
C ASN B 358 19.54 3.72 9.82
N ASP B 359 19.62 3.11 8.64
CA ASP B 359 20.32 3.74 7.53
C ASP B 359 19.60 3.35 6.23
N ILE B 360 18.71 4.22 5.78
CA ILE B 360 17.96 3.96 4.55
C ILE B 360 18.25 5.02 3.49
N TRP B 361 17.91 4.71 2.25
CA TRP B 361 18.20 5.60 1.12
C TRP B 361 17.18 5.41 0.00
N GLY B 362 16.77 6.50 -0.62
CA GLY B 362 15.81 6.41 -1.70
C GLY B 362 15.48 7.78 -2.25
N TRP B 363 14.40 7.87 -3.03
CA TRP B 363 13.98 9.15 -3.58
C TRP B 363 13.46 9.99 -2.42
N SER B 364 13.49 11.30 -2.59
CA SER B 364 13.05 12.24 -1.57
C SER B 364 11.77 11.86 -0.82
N LYS B 365 10.69 11.60 -1.55
CA LYS B 365 9.42 11.28 -0.90
C LYS B 365 9.46 10.02 -0.04
N ASP B 366 10.26 9.04 -0.43
CA ASP B 366 10.31 7.80 0.32
C ASP B 366 10.99 7.92 1.67
N VAL B 367 11.90 8.88 1.83
CA VAL B 367 12.56 9.05 3.12
C VAL B 367 12.03 10.26 3.88
N GLN B 368 11.29 11.13 3.22
CA GLN B 368 10.73 12.29 3.89
C GLN B 368 9.32 12.07 4.41
N PHE B 369 8.61 11.10 3.83
CA PHE B 369 7.26 10.76 4.29
C PHE B 369 7.49 9.60 5.25
N TYR B 370 7.26 9.83 6.55
CA TYR B 370 7.48 8.78 7.53
C TYR B 370 6.43 8.70 8.64
N ILE B 371 5.35 9.45 8.51
CA ILE B 371 4.27 9.42 9.49
C ILE B 371 2.94 9.01 8.88
N LYS B 372 2.37 7.93 9.40
CA LYS B 372 1.07 7.46 8.96
C LYS B 372 0.03 7.86 10.00
N ALA B 373 -1.21 8.00 9.56
CA ALA B 373 -2.31 8.40 10.45
C ALA B 373 -2.55 7.43 11.60
N THR B 374 -2.00 6.22 11.50
CA THR B 374 -2.17 5.21 12.53
C THR B 374 -1.24 5.41 13.72
N THR B 375 -0.40 6.44 13.63
CA THR B 375 0.53 6.74 14.71
C THR B 375 -0.27 7.19 15.93
N LEU B 376 0.33 7.14 17.11
CA LEU B 376 -0.34 7.53 18.35
C LEU B 376 -0.94 8.94 18.25
N ARG B 377 -2.20 9.08 18.65
CA ARG B 377 -2.89 10.37 18.59
C ARG B 377 -2.40 11.29 19.71
N LEU B 378 -1.76 12.40 19.35
CA LEU B 378 -1.24 13.33 20.33
C LEU B 378 -1.64 14.76 20.03
N THR B 379 -1.46 15.65 21.00
CA THR B 379 -1.78 17.06 20.82
C THR B 379 -0.51 17.84 21.13
N GLU B 380 -0.28 18.93 20.42
CA GLU B 380 0.98 19.66 20.58
C GLU B 380 0.99 21.11 21.05
N GLY B 381 2.13 21.48 21.64
CA GLY B 381 2.36 22.82 22.12
C GLY B 381 3.71 23.27 21.56
N GLY B 382 4.21 24.41 22.03
CA GLY B 382 5.48 24.91 21.53
C GLY B 382 5.26 25.83 20.34
N GLY B 383 6.17 25.81 19.37
CA GLY B 383 6.03 26.68 18.22
C GLY B 383 7.32 26.88 17.47
N ALA B 384 7.38 27.95 16.67
CA ALA B 384 8.56 28.23 15.88
C ALA B 384 9.38 29.40 16.41
N VAL B 385 10.69 29.32 16.22
CA VAL B 385 11.58 30.40 16.60
C VAL B 385 12.28 30.76 15.29
N VAL B 386 12.07 32.01 14.84
CA VAL B 386 12.69 32.48 13.61
C VAL B 386 14.00 33.13 14.03
N THR B 387 15.10 32.72 13.40
CA THR B 387 16.40 33.25 13.80
C THR B 387 17.43 33.00 12.71
N SER B 388 18.70 33.26 13.02
CA SER B 388 19.77 33.04 12.05
C SER B 388 20.27 31.60 12.17
N ARG B 389 20.76 31.05 11.08
CA ARG B 389 21.26 29.69 11.06
C ARG B 389 22.34 29.43 12.12
N ALA B 390 23.20 30.41 12.33
CA ALA B 390 24.27 30.27 13.32
C ALA B 390 23.74 30.19 14.76
N ASN B 391 22.50 30.60 14.98
CA ASN B 391 21.91 30.60 16.31
C ASN B 391 21.11 29.34 16.64
N ILE B 392 21.16 28.35 15.77
CA ILE B 392 20.41 27.10 15.98
C ILE B 392 20.77 26.38 17.29
N ALA B 393 22.06 26.17 17.54
CA ALA B 393 22.47 25.49 18.76
C ALA B 393 21.93 26.17 20.01
N THR B 394 22.05 27.49 20.09
CA THR B 394 21.58 28.23 21.24
C THR B 394 20.07 28.13 21.45
N VAL B 395 19.30 28.30 20.38
CA VAL B 395 17.84 28.22 20.51
C VAL B 395 17.42 26.84 21.02
N ILE B 396 18.02 25.80 20.46
CA ILE B 396 17.70 24.44 20.85
C ILE B 396 18.18 24.10 22.26
N ASN B 397 19.37 24.55 22.62
CA ASN B 397 19.90 24.27 23.96
C ASN B 397 19.06 24.99 25.03
N ASP B 398 18.67 26.23 24.76
CA ASP B 398 17.85 27.00 25.69
C ASP B 398 16.57 26.23 26.00
N PHE B 399 15.90 25.80 24.94
CA PHE B 399 14.63 25.09 25.06
C PHE B 399 14.73 23.75 25.77
N THR B 400 15.65 22.89 25.35
CA THR B 400 15.78 21.58 25.96
C THR B 400 16.17 21.63 27.44
N GLU B 401 17.04 22.57 27.81
CA GLU B 401 17.43 22.69 29.22
C GLU B 401 16.24 23.19 30.04
N TRP B 402 15.49 24.12 29.48
CA TRP B 402 14.32 24.66 30.17
C TRP B 402 13.30 23.54 30.34
N PHE B 403 13.02 22.81 29.27
CA PHE B 403 12.05 21.74 29.31
C PHE B 403 12.45 20.67 30.34
N HIS B 404 13.70 20.24 30.29
CA HIS B 404 14.15 19.21 31.22
C HIS B 404 13.98 19.67 32.66
N GLU B 405 14.34 20.92 32.94
CA GLU B 405 14.20 21.43 34.31
C GLU B 405 12.75 21.38 34.72
N ARG B 406 11.85 21.81 33.82
CA ARG B 406 10.43 21.83 34.10
C ARG B 406 9.82 20.44 34.32
N ILE B 407 10.09 19.50 33.42
CA ILE B 407 9.50 18.17 33.58
C ILE B 407 9.97 17.51 34.87
N GLU B 408 11.24 17.71 35.23
CA GLU B 408 11.77 17.14 36.47
C GLU B 408 11.17 17.87 37.69
N PHE B 409 10.93 19.17 37.53
CA PHE B 409 10.34 19.98 38.59
C PHE B 409 8.96 19.43 38.96
N TYR B 410 8.13 19.17 37.95
CA TYR B 410 6.81 18.65 38.22
C TYR B 410 6.86 17.20 38.70
N ARG B 411 7.78 16.42 38.16
CA ARG B 411 7.88 15.03 38.59
C ARG B 411 8.26 14.95 40.07
N ALA B 412 9.12 15.86 40.52
CA ALA B 412 9.54 15.88 41.91
C ALA B 412 8.35 16.15 42.83
N LYS B 413 7.29 16.73 42.27
CA LYS B 413 6.08 17.04 43.01
C LYS B 413 5.01 15.97 42.79
N GLY B 414 5.36 14.93 42.03
CA GLY B 414 4.43 13.85 41.77
C GLY B 414 3.41 14.16 40.68
N GLU B 415 3.73 15.14 39.85
CA GLU B 415 2.84 15.56 38.76
C GLU B 415 3.46 15.22 37.42
N PHE B 416 2.64 14.67 36.52
CA PHE B 416 3.09 14.26 35.20
C PHE B 416 2.25 14.81 34.06
N PRO B 417 2.41 16.10 33.77
CA PRO B 417 1.66 16.76 32.70
C PRO B 417 2.22 16.47 31.31
N LEU B 418 3.35 15.79 31.26
CA LEU B 418 4.05 15.52 30.01
C LEU B 418 4.36 14.04 29.74
N ASN B 419 3.61 13.42 28.84
CA ASN B 419 3.84 12.01 28.54
C ASN B 419 4.17 11.73 27.06
N GLY B 420 4.40 12.81 26.31
CA GLY B 420 4.76 12.69 24.90
C GLY B 420 6.15 13.26 24.65
N PRO B 421 6.73 13.03 23.47
CA PRO B 421 8.06 13.54 23.18
C PRO B 421 8.20 15.00 22.79
N VAL B 422 9.41 15.49 22.95
CA VAL B 422 9.76 16.83 22.52
C VAL B 422 10.22 16.51 21.10
N GLU B 423 9.79 17.30 20.12
CA GLU B 423 10.22 17.06 18.75
C GLU B 423 10.80 18.36 18.23
N ILE B 424 12.01 18.28 17.68
CA ILE B 424 12.72 19.45 17.19
C ILE B 424 13.28 19.25 15.78
N ARG B 425 13.01 20.22 14.91
CA ARG B 425 13.51 20.18 13.54
C ARG B 425 13.54 21.60 13.02
N CYS B 426 14.39 21.84 12.03
CA CYS B 426 14.52 23.17 11.44
C CYS B 426 14.26 23.09 9.95
N CYS B 427 13.92 24.23 9.36
CA CYS B 427 13.77 24.30 7.92
C CYS B 427 14.03 25.76 7.54
N GLY B 428 13.93 26.07 6.25
CA GLY B 428 14.19 27.44 5.84
C GLY B 428 12.96 28.31 5.86
N LEU B 429 13.11 29.53 5.35
CA LEU B 429 12.01 30.48 5.29
C LEU B 429 11.52 30.58 3.86
N ASP B 430 10.45 31.34 3.65
CA ASP B 430 9.88 31.51 2.32
C ASP B 430 10.71 32.55 1.55
N GLN B 431 11.92 32.13 1.15
CA GLN B 431 12.85 32.99 0.43
C GLN B 431 12.38 33.35 -0.98
N ALA B 432 12.53 34.62 -1.32
CA ALA B 432 12.14 35.11 -2.64
C ALA B 432 13.01 34.51 -3.74
N ALA B 433 14.28 34.29 -3.44
CA ALA B 433 15.21 33.72 -4.43
C ALA B 433 14.76 32.35 -4.93
N ASP B 434 13.97 31.65 -4.11
CA ASP B 434 13.51 30.32 -4.49
C ASP B 434 12.38 30.36 -5.52
N VAL B 435 11.67 31.49 -5.60
CA VAL B 435 10.56 31.60 -6.54
C VAL B 435 11.10 31.88 -7.94
N LYS B 436 10.77 30.99 -8.88
CA LYS B 436 11.25 31.10 -10.25
C LYS B 436 10.26 31.63 -11.28
N VAL B 437 9.22 32.30 -10.79
CA VAL B 437 8.22 32.93 -11.65
C VAL B 437 8.06 34.34 -11.10
N PRO B 438 7.50 35.26 -11.90
CA PRO B 438 7.32 36.62 -11.40
C PRO B 438 6.56 36.54 -10.07
N SER B 439 7.03 37.29 -9.06
CA SER B 439 6.40 37.23 -7.75
C SER B 439 6.42 38.54 -6.97
N VAL B 440 5.32 38.84 -6.27
CA VAL B 440 5.25 40.05 -5.47
C VAL B 440 5.80 39.82 -4.07
N GLY B 441 6.04 38.56 -3.70
CA GLY B 441 6.57 38.29 -2.38
C GLY B 441 6.18 36.98 -1.74
N PRO B 442 6.50 36.80 -0.44
CA PRO B 442 6.19 35.59 0.30
C PRO B 442 4.78 35.64 0.88
N PRO B 443 4.29 34.51 1.44
CA PRO B 443 2.95 34.46 2.03
C PRO B 443 2.92 35.56 3.10
N THR B 444 1.83 36.32 3.16
CA THR B 444 1.73 37.40 4.13
C THR B 444 1.81 36.95 5.59
N ILE B 445 1.07 35.92 5.94
CA ILE B 445 1.05 35.49 7.33
C ILE B 445 1.60 34.11 7.66
N SER B 446 2.48 33.59 6.83
CA SER B 446 3.09 32.29 7.11
C SER B 446 4.08 32.49 8.25
N ALA B 447 4.28 31.48 9.09
CA ALA B 447 5.23 31.59 10.19
C ALA B 447 6.64 31.57 9.60
N THR B 448 6.74 31.13 8.36
CA THR B 448 8.00 31.03 7.63
C THR B 448 8.34 32.26 6.79
N ARG B 449 7.53 33.32 6.90
CA ARG B 449 7.81 34.53 6.13
C ARG B 449 9.05 35.26 6.65
N PRO B 450 9.98 35.63 5.76
CA PRO B 450 11.19 36.33 6.19
C PRO B 450 10.86 37.67 6.85
N ARG B 451 11.72 38.09 7.78
CA ARG B 451 11.56 39.36 8.49
C ARG B 451 12.46 40.43 7.88
N PRO B 452 11.87 41.45 7.23
CA PRO B 452 12.61 42.55 6.60
C PRO B 452 13.59 43.26 7.52
N ASP B 453 13.22 43.40 8.79
CA ASP B 453 14.06 44.07 9.77
C ASP B 453 15.22 43.21 10.27
N HIS B 454 15.27 41.96 9.83
CA HIS B 454 16.32 41.03 10.21
C HIS B 454 16.73 40.16 9.03
N PRO B 455 17.48 40.73 8.08
CA PRO B 455 17.96 40.05 6.88
C PRO B 455 18.75 38.77 7.13
N ASP B 456 19.37 38.68 8.31
CA ASP B 456 20.17 37.50 8.67
C ASP B 456 19.35 36.34 9.23
N TRP B 457 18.09 36.58 9.54
CA TRP B 457 17.23 35.50 10.04
C TRP B 457 16.87 34.67 8.81
N ASP B 458 17.29 33.41 8.80
CA ASP B 458 17.04 32.57 7.64
C ASP B 458 16.62 31.13 7.93
N VAL B 459 16.18 30.87 9.15
CA VAL B 459 15.73 29.52 9.51
C VAL B 459 14.57 29.61 10.49
N ALA B 460 13.75 28.57 10.48
CA ALA B 460 12.62 28.46 11.39
C ALA B 460 12.92 27.20 12.18
N ILE B 461 12.98 27.32 13.50
CA ILE B 461 13.27 26.18 14.36
C ILE B 461 11.97 25.79 15.03
N TRP B 462 11.50 24.59 14.74
CA TRP B 462 10.25 24.11 15.30
C TRP B 462 10.50 23.33 16.58
N LEU B 463 10.06 23.91 17.69
CA LEU B 463 10.21 23.33 19.01
C LEU B 463 8.83 22.90 19.47
N ASN B 464 8.54 21.61 19.33
CA ASN B 464 7.23 21.09 19.71
C ASN B 464 7.28 20.13 20.87
N VAL B 465 6.16 20.03 21.57
CA VAL B 465 6.01 19.10 22.67
C VAL B 465 4.68 18.40 22.38
N LEU B 466 4.69 17.07 22.45
CA LEU B 466 3.51 16.27 22.19
C LEU B 466 3.01 15.61 23.47
N GLY B 467 1.70 15.35 23.55
CA GLY B 467 1.16 14.73 24.75
C GLY B 467 -0.17 14.06 24.48
N VAL B 468 -0.56 13.14 25.36
CA VAL B 468 -1.82 12.44 25.20
C VAL B 468 -2.99 13.36 25.56
N PRO B 469 -3.97 13.48 24.65
CA PRO B 469 -5.12 14.34 24.93
C PRO B 469 -5.80 13.95 26.25
N GLY B 470 -6.14 14.95 27.06
CA GLY B 470 -6.81 14.70 28.32
C GLY B 470 -5.89 14.59 29.52
N THR B 471 -4.58 14.64 29.29
CA THR B 471 -3.62 14.53 30.38
C THR B 471 -3.74 15.71 31.35
N PRO B 472 -4.01 15.43 32.64
CA PRO B 472 -4.14 16.53 33.61
C PRO B 472 -2.89 17.41 33.69
N GLY B 473 -3.10 18.72 33.61
CA GLY B 473 -2.00 19.66 33.69
C GLY B 473 -1.21 19.88 32.40
N MET B 474 -1.51 19.10 31.37
CA MET B 474 -0.79 19.25 30.10
C MET B 474 -0.99 20.60 29.45
N PHE B 475 -2.25 21.04 29.32
CA PHE B 475 -2.50 22.33 28.70
C PHE B 475 -2.02 23.47 29.60
N GLU B 476 -2.08 23.25 30.91
CA GLU B 476 -1.57 24.26 31.84
C GLU B 476 -0.07 24.42 31.53
N PHE B 477 0.60 23.29 31.27
CA PHE B 477 2.03 23.38 30.96
C PHE B 477 2.27 24.00 29.58
N TYR B 478 1.41 23.68 28.62
CA TYR B 478 1.57 24.26 27.29
C TYR B 478 1.45 25.77 27.38
N ARG B 479 0.61 26.26 28.29
CA ARG B 479 0.46 27.70 28.49
C ARG B 479 1.75 28.23 29.11
N GLU B 480 2.26 27.52 30.11
CA GLU B 480 3.49 27.94 30.77
C GLU B 480 4.61 28.04 29.74
N MET B 481 4.68 27.05 28.85
CA MET B 481 5.70 27.03 27.80
C MET B 481 5.48 28.13 26.77
N GLU B 482 4.22 28.36 26.40
CA GLU B 482 3.94 29.41 25.42
C GLU B 482 4.38 30.76 25.99
N GLN B 483 4.08 30.99 27.27
CA GLN B 483 4.46 32.24 27.92
C GLN B 483 5.99 32.37 27.99
N TRP B 484 6.67 31.28 28.30
CA TRP B 484 8.13 31.32 28.39
C TRP B 484 8.74 31.60 27.02
N MET B 485 8.24 30.92 25.99
CA MET B 485 8.77 31.11 24.65
C MET B 485 8.59 32.55 24.15
N ARG B 486 7.42 33.12 24.42
CA ARG B 486 7.13 34.49 24.01
C ARG B 486 8.06 35.50 24.65
N SER B 487 8.38 35.28 25.92
CA SER B 487 9.26 36.21 26.63
C SER B 487 10.74 35.94 26.43
N HIS B 488 11.09 34.67 26.19
CA HIS B 488 12.48 34.28 26.00
C HIS B 488 13.01 34.59 24.60
N TYR B 489 12.27 34.14 23.58
CA TYR B 489 12.69 34.39 22.20
C TYR B 489 11.98 35.67 21.77
N ASN B 490 12.56 36.79 22.20
CA ASN B 490 11.99 38.10 21.91
C ASN B 490 13.08 39.16 21.94
N ASN B 491 13.96 39.10 20.96
CA ASN B 491 15.07 40.05 20.91
C ASN B 491 15.62 40.23 19.50
N ASP B 492 16.79 40.85 19.42
CA ASP B 492 17.43 41.12 18.15
C ASP B 492 17.95 39.85 17.50
N ASP B 493 18.04 38.78 18.28
CA ASP B 493 18.56 37.50 17.79
C ASP B 493 17.53 36.48 17.33
N ALA B 494 16.34 36.54 17.90
CA ALA B 494 15.31 35.58 17.54
C ALA B 494 13.93 36.02 18.00
N THR B 495 12.90 35.45 17.39
CA THR B 495 11.54 35.78 17.79
C THR B 495 10.68 34.53 17.71
N PHE B 496 9.58 34.56 18.44
CA PHE B 496 8.67 33.42 18.52
C PHE B 496 7.38 33.59 17.72
N ARG B 497 6.99 32.52 17.04
CA ARG B 497 5.75 32.50 16.27
C ARG B 497 5.06 31.16 16.48
N PRO B 498 3.80 31.17 16.90
CA PRO B 498 3.12 29.89 17.11
C PRO B 498 3.08 29.15 15.77
N GLU B 499 3.05 27.83 15.81
CA GLU B 499 2.93 27.05 14.59
C GLU B 499 1.42 26.98 14.38
N TRP B 500 0.92 27.59 13.31
CA TRP B 500 -0.52 27.63 13.04
C TRP B 500 -1.27 26.33 13.24
N SER B 501 -0.70 25.23 12.73
CA SER B 501 -1.33 23.91 12.80
C SER B 501 -1.39 23.27 14.18
N LYS B 502 -0.58 23.76 15.10
CA LYS B 502 -0.54 23.18 16.44
C LYS B 502 -1.34 24.02 17.45
N GLY B 503 -1.14 23.72 18.72
CA GLY B 503 -1.83 24.48 19.75
C GLY B 503 -1.13 25.79 20.08
N TRP B 504 -1.92 26.80 20.43
CA TRP B 504 -1.43 28.12 20.81
C TRP B 504 -2.59 28.85 21.48
N ALA B 505 -2.32 30.01 22.06
CA ALA B 505 -3.35 30.76 22.78
C ALA B 505 -3.94 29.86 23.87
N PHE B 506 -3.07 29.12 24.56
CA PHE B 506 -3.50 28.23 25.63
C PHE B 506 -4.02 29.06 26.80
N GLY B 507 -5.29 28.90 27.16
CA GLY B 507 -5.82 29.69 28.25
C GLY B 507 -6.58 29.06 29.41
N PRO B 508 -6.20 27.85 29.87
CA PRO B 508 -5.12 26.97 29.42
C PRO B 508 -5.43 26.13 28.18
N ASP B 509 -6.72 25.89 27.92
CA ASP B 509 -7.08 25.10 26.75
C ASP B 509 -6.60 25.83 25.50
N PRO B 510 -6.13 25.10 24.49
CA PRO B 510 -5.66 25.78 23.29
C PRO B 510 -6.78 26.60 22.63
N TYR B 511 -6.37 27.72 22.04
CA TYR B 511 -7.28 28.61 21.32
C TYR B 511 -8.31 29.32 22.19
N THR B 512 -8.08 29.37 23.50
CA THR B 512 -9.02 30.03 24.40
C THR B 512 -8.50 31.27 25.13
N ASP B 513 -7.21 31.55 25.05
CA ASP B 513 -6.70 32.76 25.70
C ASP B 513 -7.14 33.89 24.77
N ASN B 514 -8.15 34.65 25.18
CA ASN B 514 -8.69 35.71 24.35
C ASN B 514 -7.70 36.79 23.96
N ASP B 515 -6.86 37.20 24.89
CA ASP B 515 -5.87 38.23 24.59
C ASP B 515 -4.92 37.79 23.49
N ILE B 516 -4.50 36.53 23.53
CA ILE B 516 -3.59 36.03 22.51
C ILE B 516 -4.31 35.92 21.16
N VAL B 517 -5.50 35.34 21.17
CA VAL B 517 -6.26 35.19 19.93
C VAL B 517 -6.61 36.52 19.25
N THR B 518 -7.09 37.47 20.05
CA THR B 518 -7.53 38.76 19.50
C THR B 518 -6.53 39.91 19.48
N ASN B 519 -5.43 39.79 20.23
CA ASN B 519 -4.45 40.86 20.27
C ASN B 519 -3.02 40.46 19.93
N LYS B 520 -2.51 39.43 20.60
CA LYS B 520 -1.13 39.00 20.41
C LYS B 520 -0.80 38.34 19.06
N MET B 521 -1.74 37.63 18.47
CA MET B 521 -1.45 37.02 17.17
C MET B 521 -1.25 38.16 16.17
N ARG B 522 -2.09 39.19 16.26
CA ARG B 522 -1.95 40.34 15.37
C ARG B 522 -0.60 40.99 15.61
N ALA B 523 -0.25 41.20 16.88
CA ALA B 523 1.02 41.82 17.23
C ALA B 523 2.16 41.06 16.56
N THR B 524 2.11 39.74 16.67
CA THR B 524 3.14 38.89 16.08
C THR B 524 3.27 39.15 14.58
N TYR B 525 2.13 39.30 13.90
CA TYR B 525 2.17 39.50 12.46
C TYR B 525 2.15 40.93 11.92
N ILE B 526 2.49 41.89 12.76
CA ILE B 526 2.62 43.27 12.31
C ILE B 526 4.03 43.71 12.73
N GLU B 527 4.71 42.85 13.47
CA GLU B 527 6.05 43.15 13.95
C GLU B 527 7.12 43.03 12.87
N GLY B 528 7.91 44.10 12.71
CA GLY B 528 8.99 44.10 11.74
C GLY B 528 8.63 44.11 10.27
N VAL B 529 7.34 44.24 9.95
CA VAL B 529 6.91 44.26 8.55
C VAL B 529 6.22 45.58 8.21
N PRO B 530 6.18 45.94 6.92
CA PRO B 530 5.54 47.19 6.51
C PRO B 530 4.03 47.19 6.70
N THR B 531 3.47 48.37 6.95
CA THR B 531 2.03 48.49 7.15
C THR B 531 1.26 48.22 5.86
N THR B 532 2.00 48.02 4.77
CA THR B 532 1.37 47.76 3.48
C THR B 532 1.31 46.26 3.17
N GLU B 533 1.89 45.45 4.05
CA GLU B 533 1.89 44.00 3.85
C GLU B 533 2.06 43.31 5.20
N ASN B 534 0.98 43.30 5.98
CA ASN B 534 1.01 42.68 7.30
C ASN B 534 -0.32 42.02 7.65
N TRP B 535 -0.49 41.75 8.94
CA TRP B 535 -1.71 41.11 9.44
C TRP B 535 -2.96 41.86 9.03
N ASP B 536 -2.93 43.19 9.19
CA ASP B 536 -4.09 44.00 8.86
C ASP B 536 -4.41 44.01 7.37
N THR B 537 -3.38 44.10 6.53
CA THR B 537 -3.63 44.10 5.10
C THR B 537 -4.12 42.73 4.65
N ALA B 538 -3.70 41.68 5.37
CA ALA B 538 -4.14 40.32 5.04
C ALA B 538 -5.64 40.20 5.35
N ARG B 539 -6.05 40.68 6.52
CA ARG B 539 -7.45 40.61 6.89
C ARG B 539 -8.29 41.47 5.93
N ALA B 540 -7.73 42.60 5.51
CA ALA B 540 -8.43 43.48 4.59
C ALA B 540 -8.69 42.73 3.28
N ARG B 541 -7.71 41.92 2.86
CA ARG B 541 -7.84 41.15 1.63
C ARG B 541 -8.88 40.05 1.78
N TYR B 542 -8.85 39.37 2.93
CA TYR B 542 -9.80 38.29 3.21
C TYR B 542 -11.23 38.83 3.18
N ASN B 543 -11.42 40.00 3.77
CA ASN B 543 -12.75 40.60 3.80
C ASN B 543 -13.18 41.11 2.44
N GLN B 544 -12.22 41.47 1.58
CA GLN B 544 -12.55 41.94 0.23
C GLN B 544 -13.05 40.75 -0.59
N ILE B 545 -12.39 39.61 -0.41
CA ILE B 545 -12.72 38.39 -1.14
C ILE B 545 -13.99 37.71 -0.62
N ASP B 546 -14.33 38.00 0.62
CA ASP B 546 -15.50 37.38 1.25
C ASP B 546 -16.05 38.31 2.33
N PRO B 547 -16.66 39.44 1.92
CA PRO B 547 -17.22 40.40 2.86
C PRO B 547 -18.38 39.87 3.69
N HIS B 548 -19.07 38.86 3.18
CA HIS B 548 -20.21 38.28 3.87
C HIS B 548 -19.78 37.19 4.85
N ARG B 549 -18.47 36.96 4.92
CA ARG B 549 -17.89 35.98 5.81
C ARG B 549 -18.51 34.58 5.70
N VAL B 550 -18.70 34.14 4.47
CA VAL B 550 -19.24 32.81 4.21
C VAL B 550 -18.24 31.75 4.64
N PHE B 551 -16.96 32.03 4.40
CA PHE B 551 -15.89 31.09 4.72
C PHE B 551 -15.27 31.38 6.09
N THR B 552 -16.07 31.27 7.13
CA THR B 552 -15.62 31.52 8.48
C THR B 552 -16.37 30.68 9.49
N ASN B 553 -15.92 30.72 10.75
CA ASN B 553 -16.61 30.05 11.85
C ASN B 553 -16.38 30.97 13.05
N GLY B 554 -16.98 30.64 14.19
CA GLY B 554 -16.84 31.48 15.37
C GLY B 554 -15.42 31.82 15.80
N PHE B 555 -14.52 30.86 15.70
CA PHE B 555 -13.13 31.09 16.10
C PHE B 555 -12.45 32.05 15.13
N MET B 556 -12.71 31.84 13.84
CA MET B 556 -12.13 32.68 12.82
C MET B 556 -12.64 34.11 12.93
N ASP B 557 -13.83 34.28 13.51
CA ASP B 557 -14.38 35.62 13.66
C ASP B 557 -13.61 36.38 14.74
N LYS B 558 -13.02 35.65 15.68
CA LYS B 558 -12.23 36.27 16.74
C LYS B 558 -10.80 36.53 16.27
N LEU B 559 -10.24 35.57 15.54
CA LEU B 559 -8.87 35.66 15.06
C LEU B 559 -8.70 36.58 13.86
N LEU B 560 -9.60 36.44 12.89
CA LEU B 560 -9.54 37.22 11.65
C LEU B 560 -10.80 38.07 11.40
N PRO B 561 -11.04 39.07 12.24
CA PRO B 561 -12.22 39.93 12.06
C PRO B 561 -12.11 40.77 10.79
C1 EDO C . 5.02 -18.84 -11.33
C1 EDO C . 4.80 -18.30 -10.75
O1 EDO C . 5.72 -19.96 -12.14
O1 EDO C . 4.41 -17.31 -9.61
C2 EDO C . 3.50 -18.93 -11.45
C2 EDO C . 3.54 -18.86 -11.45
O2 EDO C . 2.92 -20.07 -10.57
O2 EDO C . 2.91 -20.02 -10.65
C1 EDO D . 4.37 -15.26 -13.12
O1 EDO D . 5.44 -15.17 -12.00
C2 EDO D . 5.00 -15.18 -14.52
O2 EDO D . 4.31 -16.17 -15.50
C1 EDO E . -8.90 -22.83 -26.49
O1 EDO E . -9.61 -21.45 -26.43
C2 EDO E . -7.75 -22.81 -27.51
O2 EDO E . -8.18 -22.19 -28.86
C1 EDO F . -3.73 -19.25 -24.82
O1 EDO F . -2.51 -18.53 -25.45
C2 EDO F . -5.05 -18.55 -25.18
O2 EDO F . -6.05 -19.56 -25.81
C1 EDO G . -26.31 -32.30 -19.66
O1 EDO G . -25.85 -33.54 -18.84
C2 EDO G . -25.19 -31.24 -19.71
O2 EDO G . -23.91 -31.79 -20.39
PA FAD H . -9.99 -15.51 -12.98
O1A FAD H . -8.86 -15.54 -13.93
O2A FAD H . -11.01 -14.63 -13.16
O5B FAD H . -10.55 -16.94 -13.22
C5B FAD H . -9.69 -18.13 -13.11
C4B FAD H . -10.59 -19.38 -12.98
O4B FAD H . -11.36 -19.33 -11.73
C3B FAD H . -11.60 -19.70 -14.07
O3B FAD H . -11.67 -21.05 -14.42
C2B FAD H . -12.88 -19.09 -13.50
O2B FAD H . -14.02 -19.63 -14.13
C1B FAD H . -12.76 -19.60 -12.09
N9A FAD H . -13.51 -18.88 -11.07
C8A FAD H . -13.36 -17.56 -10.70
N7A FAD H . -14.20 -17.21 -9.73
C5A FAD H . -14.92 -18.34 -9.45
C6A FAD H . -16.18 -18.54 -8.69
N6A FAD H . -16.78 -17.60 -8.00
N1A FAD H . -16.70 -19.82 -8.76
C2A FAD H . -16.15 -20.81 -9.53
N3A FAD H . -15.09 -20.67 -10.35
C4A FAD H . -14.49 -19.44 -10.25
N1 FAD H . -1.28 -20.11 -9.09
C2 FAD H . -0.78 -20.81 -8.07
O2 FAD H . -1.20 -21.90 -7.80
N3 FAD H . 0.42 -20.40 -7.39
C4 FAD H . 1.07 -19.22 -7.71
O4 FAD H . 2.06 -18.89 -7.09
C4X FAD H . 0.57 -18.48 -8.87
N5 FAD H . 1.21 -17.37 -9.31
C5X FAD H . 0.63 -16.65 -10.34
C6 FAD H . 1.27 -15.44 -10.73
C7 FAD H . 0.67 -14.56 -11.61
C7M FAD H . 1.42 -13.30 -12.04
C8 FAD H . -0.70 -14.81 -12.08
C8M FAD H . -1.39 -13.87 -13.06
C9 FAD H . -1.35 -15.99 -11.69
C9A FAD H . -0.66 -16.95 -10.90
N10 FAD H . -1.24 -18.21 -10.50
C10 FAD H . -0.70 -18.94 -9.48
C1' FAD H . -2.36 -18.78 -11.31
C2' FAD H . -3.73 -18.48 -10.63
O2' FAD H . -3.87 -19.36 -9.52
C3' FAD H . -4.82 -18.79 -11.65
O3' FAD H . -4.60 -17.97 -12.80
C4' FAD H . -6.19 -18.44 -11.03
O4' FAD H . -7.21 -19.28 -11.59
C5' FAD H . -6.48 -16.96 -11.28
O5' FAD H . -7.58 -16.44 -10.26
P FAD H . -8.34 -15.18 -10.60
O1P FAD H . -8.82 -14.70 -9.22
O2P FAD H . -7.59 -14.25 -11.33
O3P FAD H . -9.50 -15.56 -11.47
MN MN I . 9.06 41.16 20.02
AS CAC J . 11.87 43.28 20.39
O1 CAC J . 10.72 42.62 19.45
O2 CAC J . 13.25 42.48 20.03
C1 CAC J . 12.08 45.10 19.89
C2 CAC J . 11.44 43.06 22.22
MN MN K . -24.52 39.29 6.16
MN MN L . 22.31 40.09 18.15
C1 EDO M . 5.43 16.81 14.25
C1 EDO M . 5.47 16.23 13.36
O1 EDO M . 5.75 17.57 15.57
O1 EDO M . 5.09 15.41 12.11
C2 EDO M . 4.11 17.28 13.65
C2 EDO M . 4.35 17.19 13.78
O2 EDO M . 4.30 18.56 12.81
O2 EDO M . 4.34 18.46 12.89
C1 EDO N . 1.63 13.66 16.40
O1 EDO N . 1.32 14.81 17.38
C2 EDO N . 2.21 14.19 15.08
O2 EDO N . 3.11 13.15 14.38
C1 EDO O . -11.51 27.19 21.19
O1 EDO O . -12.72 26.86 22.09
C2 EDO O . -11.96 27.81 19.86
O2 EDO O . -12.96 26.89 19.11
C1 EDO P . 7.48 47.60 13.65
O1 EDO P . 7.48 46.32 14.54
C2 EDO P . 6.51 47.45 12.47
O2 EDO P . 7.07 48.14 11.19
C1 EDO Q . -10.67 32.23 -14.00
O1 EDO Q . -10.69 31.46 -12.65
C2 EDO Q . -11.09 33.69 -13.81
O2 EDO Q . -10.01 34.51 -13.05
C1 EDO R . 19.67 28.76 5.54
O1 EDO R . 21.09 28.32 5.11
C2 EDO R . 18.99 29.57 4.42
O2 EDO R . 19.27 28.94 3.02
C1 EDO S . -9.75 21.22 20.47
O1 EDO S . -8.57 21.66 21.38
C2 EDO S . -10.21 22.38 19.58
O2 EDO S . -10.56 23.64 20.41
PA FAD T . -8.22 19.86 7.15
O1A FAD T . -7.93 19.51 8.57
O2A FAD T . -9.43 19.55 6.60
O5B FAD T . -8.18 21.39 7.28
C5B FAD T . -7.01 22.10 7.86
C4B FAD T . -7.05 23.58 7.40
O4B FAD T . -6.94 23.65 5.94
C3B FAD T . -8.24 24.46 7.77
O3B FAD T . -7.94 25.76 8.17
C2B FAD T . -9.11 24.34 6.51
O2B FAD T . -10.03 25.39 6.45
C1B FAD T . -8.02 24.53 5.49
N9A FAD T . -8.29 24.05 4.15
C8A FAD T . -8.46 22.74 3.75
N7A FAD T . -8.75 22.65 2.45
C5A FAD T . -8.70 23.93 1.98
C6A FAD T . -9.07 24.51 0.68
N6A FAD T . -9.35 23.81 -0.38
N1A FAD T . -9.05 25.89 0.64
C2A FAD T . -8.74 26.66 1.72
N3A FAD T . -8.39 26.21 2.94
C4A FAD T . -8.38 24.84 3.02
N1 FAD T . 2.21 19.91 9.38
C2 FAD T . 3.40 20.20 8.89
O2 FAD T . 3.69 21.31 8.54
N3 FAD T . 4.47 19.25 8.90
C4 FAD T . 4.30 17.98 9.42
O4 FAD T . 5.23 17.20 9.38
C4X FAD T . 2.98 17.64 9.95
N5 FAD T . 2.78 16.45 10.57
C5X FAD T . 1.49 16.15 10.98
C6 FAD T . 1.24 14.83 11.47
C7 FAD T . -0.04 14.40 11.76
C7M FAD T . -0.22 13.05 12.43
C8 FAD T . -1.19 15.27 11.45
C8M FAD T . -2.62 14.83 11.72
C9 FAD T . -0.96 16.57 10.98
C9A FAD T . 0.36 17.05 10.81
N10 FAD T . 0.68 18.38 10.31
C10 FAD T . 1.93 18.67 9.87
C1' FAD T . -0.35 19.46 10.42
C2' FAD T . -1.11 19.66 9.06
O2' FAD T . -0.25 20.39 8.19
C3' FAD T . -2.35 20.49 9.36
O3' FAD T . -3.15 19.80 10.32
C4' FAD T . -3.16 20.67 8.06
O4' FAD T . -3.89 21.92 8.06
C5' FAD T . -4.10 19.46 7.90
O5' FAD T . -4.56 19.34 6.39
P FAD T . -5.84 18.56 6.08
O1P FAD T . -5.62 18.15 4.61
O2P FAD T . -6.08 17.50 6.96
O3P FAD T . -7.00 19.50 6.19
#